data_4IOS
#
_entry.id   4IOS
#
_cell.length_a   148.280
_cell.length_b   148.280
_cell.length_c   104.590
_cell.angle_alpha   90.00
_cell.angle_beta   90.00
_cell.angle_gamma   120.00
#
_symmetry.space_group_name_H-M   'H 3'
#
loop_
_entity.id
_entity.type
_entity.pdbx_description
1 polymer BPP
2 polymer 'Llama nanobody 11'
3 non-polymer GLYCEROL
4 water water
#
loop_
_entity_poly.entity_id
_entity_poly.type
_entity_poly.pdbx_seq_one_letter_code
_entity_poly.pdbx_strand_id
1 'polypeptide(L)'
;TKSWSGELGGGIILSLRKKGTTVEYSIGGEISSSILANSNLVNRSVPNEFCPRNRCSLVGHMVGGWNAFHIDIPSSGVCQ
WFGPTASSGTPRGTGTYPID
;
A,B,C,H
2 'polypeptide(L)'
;QVQLVESGGGLVQAGDSLRLSCAVSGRTFSSNVIGWFRQAPGKEREFVAAISWSTGSTYYGRSMKGRCAASRDNAKNTVA
LQLNSLKPEDTAVYYCAATLDWGKTLSDEYDYWGQGTQVTVSS
;
D,E,F,G
#
# COMPACT_ATOMS: atom_id res chain seq x y z
N THR A 1 9.18 31.31 19.53
CA THR A 1 8.08 30.47 19.06
C THR A 1 6.94 31.27 18.36
N LYS A 2 7.06 31.36 17.03
CA LYS A 2 6.13 32.02 16.11
C LYS A 2 5.10 30.99 15.60
N SER A 3 3.81 31.38 15.58
CA SER A 3 2.69 30.57 15.11
C SER A 3 1.99 31.28 13.96
N TRP A 4 1.37 30.51 13.06
CA TRP A 4 0.62 31.04 11.91
C TRP A 4 -0.42 30.06 11.43
N SER A 5 -1.56 30.59 10.99
CA SER A 5 -2.66 29.84 10.39
C SER A 5 -3.19 30.64 9.24
N GLY A 6 -3.58 29.96 8.18
CA GLY A 6 -4.16 30.59 7.02
C GLY A 6 -4.85 29.59 6.13
N GLU A 7 -5.96 30.01 5.48
CA GLU A 7 -6.67 29.14 4.56
C GLU A 7 -5.98 29.19 3.18
N LEU A 8 -5.16 28.18 2.88
CA LEU A 8 -4.35 28.12 1.66
C LEU A 8 -5.16 28.29 0.37
N GLY A 9 -6.31 27.64 0.30
CA GLY A 9 -7.21 27.66 -0.84
C GLY A 9 -8.17 26.50 -0.79
N GLY A 10 -9.39 26.69 -1.30
CA GLY A 10 -10.42 25.65 -1.35
C GLY A 10 -11.04 25.28 -0.03
N GLY A 11 -10.72 26.04 1.02
CA GLY A 11 -11.19 25.81 2.38
C GLY A 11 -10.15 25.11 3.24
N ILE A 12 -9.03 24.66 2.64
CA ILE A 12 -7.97 23.97 3.37
C ILE A 12 -7.18 24.93 4.25
N ILE A 13 -7.16 24.67 5.57
CA ILE A 13 -6.39 25.46 6.53
C ILE A 13 -5.06 24.77 6.84
N LEU A 14 -3.98 25.56 6.93
CA LEU A 14 -2.66 25.10 7.35
C LEU A 14 -2.23 25.91 8.58
N SER A 15 -1.94 25.21 9.68
CA SER A 15 -1.46 25.82 10.92
C SER A 15 -0.01 25.43 11.07
N LEU A 16 0.85 26.39 11.36
CA LEU A 16 2.28 26.15 11.56
C LEU A 16 2.75 26.75 12.89
N ARG A 17 3.78 26.14 13.48
CA ARG A 17 4.46 26.57 14.71
C ARG A 17 5.94 26.28 14.55
N LYS A 18 6.77 27.35 14.55
CA LYS A 18 8.22 27.23 14.40
C LYS A 18 8.88 26.95 15.76
N LYS A 19 9.73 25.90 15.81
CA LYS A 19 10.51 25.51 16.98
C LYS A 19 11.93 25.25 16.52
N GLY A 20 12.74 26.30 16.55
CA GLY A 20 14.12 26.27 16.07
C GLY A 20 14.18 26.11 14.57
N THR A 21 14.79 25.01 14.10
CA THR A 21 14.88 24.72 12.67
C THR A 21 13.77 23.75 12.20
N THR A 22 12.80 23.49 13.07
CA THR A 22 11.71 22.58 12.77
C THR A 22 10.36 23.28 12.86
N VAL A 23 9.53 23.08 11.84
CA VAL A 23 8.18 23.65 11.79
C VAL A 23 7.19 22.52 12.01
N GLU A 24 6.33 22.68 13.00
CA GLU A 24 5.24 21.76 13.33
C GLU A 24 4.02 22.21 12.51
N TYR A 25 3.33 21.26 11.88
CA TYR A 25 2.16 21.62 11.09
C TYR A 25 0.92 20.81 11.45
N SER A 26 -0.24 21.33 11.07
CA SER A 26 -1.54 20.71 11.26
C SER A 26 -2.44 21.16 10.13
N ILE A 27 -2.90 20.20 9.30
CA ILE A 27 -3.84 20.44 8.19
C ILE A 27 -5.26 20.52 8.79
N GLY A 28 -6.03 21.52 8.36
CA GLY A 28 -7.37 21.76 8.88
C GLY A 28 -8.44 22.12 7.87
N GLY A 29 -9.61 22.48 8.41
CA GLY A 29 -10.76 22.86 7.63
C GLY A 29 -11.40 21.71 6.87
N GLU A 30 -12.10 22.07 5.78
CA GLU A 30 -12.79 21.12 4.91
C GLU A 30 -12.84 21.71 3.51
N ILE A 31 -12.87 20.83 2.49
CA ILE A 31 -12.93 21.32 1.12
C ILE A 31 -14.31 21.97 0.84
N SER A 32 -14.30 23.28 0.56
CA SER A 32 -15.52 24.05 0.29
C SER A 32 -15.71 24.42 -1.19
N SER A 33 -14.66 24.26 -2.00
CA SER A 33 -14.69 24.53 -3.44
C SER A 33 -13.83 23.51 -4.17
N SER A 34 -13.91 23.49 -5.51
CA SER A 34 -13.15 22.52 -6.30
C SER A 34 -11.68 22.85 -6.36
N ILE A 35 -10.84 21.84 -6.08
CA ILE A 35 -9.38 21.99 -6.10
C ILE A 35 -8.88 21.04 -7.18
N LEU A 36 -8.27 21.59 -8.22
CA LEU A 36 -7.75 20.80 -9.33
C LEU A 36 -6.52 20.00 -8.91
N ALA A 37 -6.31 18.85 -9.55
CA ALA A 37 -5.15 18.00 -9.31
C ALA A 37 -3.89 18.78 -9.72
N ASN A 38 -2.85 18.77 -8.86
CA ASN A 38 -1.56 19.42 -9.07
C ASN A 38 -1.64 20.96 -9.16
N SER A 39 -2.71 21.56 -8.60
CA SER A 39 -2.92 23.00 -8.65
C SER A 39 -2.34 23.77 -7.46
N ASN A 40 -2.05 25.07 -7.67
CA ASN A 40 -1.57 25.98 -6.66
C ASN A 40 -2.76 26.41 -5.76
N LEU A 41 -2.54 26.49 -4.45
CA LEU A 41 -3.57 26.96 -3.52
C LEU A 41 -3.21 28.43 -3.35
N VAL A 42 -3.96 29.28 -4.05
CA VAL A 42 -3.70 30.71 -4.21
C VAL A 42 -4.39 31.68 -3.27
N ASN A 43 -5.17 31.19 -2.30
CA ASN A 43 -5.80 32.10 -1.35
C ASN A 43 -4.80 32.66 -0.32
N ARG A 44 -3.90 31.80 0.18
CA ARG A 44 -2.90 32.21 1.17
C ARG A 44 -1.57 31.56 0.91
N SER A 45 -0.51 32.32 1.11
CA SER A 45 0.87 31.88 0.98
C SER A 45 1.43 31.69 2.36
N VAL A 46 2.34 30.73 2.50
CA VAL A 46 3.00 30.51 3.78
C VAL A 46 4.00 31.65 3.97
N PRO A 47 3.99 32.38 5.12
CA PRO A 47 4.97 33.44 5.35
C PRO A 47 6.40 32.91 5.30
N ASN A 48 7.33 33.77 4.89
CA ASN A 48 8.76 33.53 4.68
C ASN A 48 9.48 32.76 5.80
N GLU A 49 9.19 33.09 7.07
CA GLU A 49 9.80 32.47 8.24
C GLU A 49 9.46 31.00 8.42
N PHE A 50 8.42 30.52 7.69
CA PHE A 50 8.01 29.11 7.72
C PHE A 50 8.31 28.42 6.41
N CYS A 51 8.88 29.14 5.44
CA CYS A 51 9.22 28.55 4.15
C CYS A 51 10.52 27.72 4.20
N PRO A 52 10.47 26.47 3.71
CA PRO A 52 11.68 25.63 3.78
C PRO A 52 12.68 25.91 2.65
N ARG A 53 13.93 25.44 2.80
CA ARG A 53 14.99 25.57 1.80
C ARG A 53 14.66 24.58 0.66
N ASN A 54 14.19 23.38 1.03
CA ASN A 54 13.80 22.31 0.13
C ASN A 54 12.29 22.08 0.16
N ARG A 55 11.71 21.75 -1.00
CA ARG A 55 10.29 21.45 -1.18
C ARG A 55 9.89 20.30 -0.25
N CYS A 56 8.99 20.60 0.71
CA CYS A 56 8.49 19.62 1.68
C CYS A 56 7.10 19.10 1.29
N SER A 57 6.90 17.76 1.35
CA SER A 57 5.64 17.08 0.95
C SER A 57 4.89 16.59 2.18
N LEU A 58 3.82 17.26 2.53
CA LEU A 58 3.05 16.95 3.75
C LEU A 58 1.90 16.03 3.43
N VAL A 59 2.01 14.80 3.90
CA VAL A 59 1.05 13.74 3.71
C VAL A 59 -0.12 13.87 4.68
N GLY A 60 -1.30 13.99 4.13
CA GLY A 60 -2.51 14.07 4.93
C GLY A 60 -3.47 12.95 4.55
N HIS A 61 -4.61 12.86 5.28
CA HIS A 61 -5.64 11.85 5.08
C HIS A 61 -7.03 12.50 5.13
N MET A 62 -7.95 12.02 4.28
CA MET A 62 -9.34 12.52 4.22
C MET A 62 -10.19 11.70 5.19
N VAL A 63 -10.89 12.37 6.10
CA VAL A 63 -11.77 11.75 7.11
C VAL A 63 -12.84 10.84 6.48
N GLY A 64 -13.01 9.65 7.05
CA GLY A 64 -14.06 8.71 6.65
C GLY A 64 -13.77 7.68 5.59
N GLY A 65 -12.62 7.75 4.96
CA GLY A 65 -12.25 6.81 3.91
C GLY A 65 -10.81 6.38 3.99
N TRP A 66 -10.30 5.82 2.90
CA TRP A 66 -8.93 5.35 2.79
C TRP A 66 -8.04 6.34 2.02
N ASN A 67 -8.61 7.50 1.64
CA ASN A 67 -7.95 8.51 0.82
C ASN A 67 -6.84 9.33 1.46
N ALA A 68 -5.70 9.40 0.77
CA ALA A 68 -4.56 10.20 1.20
C ALA A 68 -4.22 11.20 0.14
N PHE A 69 -3.54 12.26 0.54
CA PHE A 69 -3.09 13.30 -0.35
C PHE A 69 -1.74 13.83 0.19
N HIS A 70 -1.19 14.82 -0.51
CA HIS A 70 -0.04 15.60 -0.07
C HIS A 70 -0.10 17.01 -0.60
N ILE A 71 0.39 17.94 0.21
CA ILE A 71 0.51 19.35 -0.10
C ILE A 71 2.00 19.67 0.01
N ASP A 72 2.56 20.29 -1.03
CA ASP A 72 3.96 20.69 -1.06
C ASP A 72 4.07 22.13 -0.60
N ILE A 73 5.07 22.40 0.25
CA ILE A 73 5.38 23.77 0.64
C ILE A 73 6.74 24.02 -0.04
N PRO A 74 6.80 24.80 -1.14
CA PRO A 74 8.10 25.05 -1.76
C PRO A 74 8.80 26.18 -1.02
N SER A 75 9.97 26.62 -1.49
CA SER A 75 10.65 27.73 -0.83
C SER A 75 9.85 29.06 -0.98
N SER A 76 8.98 29.15 -2.00
CA SER A 76 8.11 30.30 -2.28
C SER A 76 6.92 30.43 -1.32
N GLY A 77 6.46 29.32 -0.76
CA GLY A 77 5.33 29.32 0.16
C GLY A 77 4.00 29.16 -0.53
N VAL A 78 4.00 29.07 -1.86
CA VAL A 78 2.79 28.89 -2.66
C VAL A 78 2.53 27.41 -2.71
N CYS A 79 1.72 26.92 -1.78
CA CYS A 79 1.42 25.49 -1.67
C CYS A 79 0.70 24.91 -2.85
N GLN A 80 1.03 23.64 -3.13
CA GLN A 80 0.50 22.91 -4.27
C GLN A 80 -0.16 21.60 -3.79
N TRP A 81 -1.38 21.36 -4.27
CA TRP A 81 -2.20 20.20 -3.93
C TRP A 81 -1.81 19.06 -4.88
N PHE A 82 -1.45 17.88 -4.31
CA PHE A 82 -1.04 16.75 -5.14
C PHE A 82 -1.94 15.56 -5.06
N GLY A 83 -3.15 15.79 -4.56
CA GLY A 83 -4.18 14.77 -4.55
C GLY A 83 -4.90 14.87 -5.89
N PRO A 84 -5.97 14.12 -6.15
CA PRO A 84 -6.67 14.28 -7.43
C PRO A 84 -7.61 15.49 -7.32
N THR A 85 -8.39 15.77 -8.38
CA THR A 85 -9.36 16.87 -8.33
C THR A 85 -10.38 16.49 -7.26
N ALA A 86 -10.63 17.41 -6.34
CA ALA A 86 -11.55 17.19 -5.23
C ALA A 86 -12.37 18.44 -4.94
N SER A 87 -13.62 18.26 -4.51
CA SER A 87 -14.53 19.36 -4.18
C SER A 87 -15.19 19.14 -2.82
N SER A 88 -14.93 18.00 -2.19
CA SER A 88 -15.45 17.66 -0.87
C SER A 88 -14.43 16.85 -0.04
N GLY A 89 -14.64 16.84 1.27
CA GLY A 89 -13.79 16.11 2.20
C GLY A 89 -13.20 16.96 3.31
N THR A 90 -12.75 16.27 4.37
CA THR A 90 -12.15 16.84 5.57
C THR A 90 -10.67 16.44 5.62
N PRO A 91 -9.73 17.33 5.15
CA PRO A 91 -8.31 16.98 5.18
C PRO A 91 -7.68 17.14 6.56
N ARG A 92 -6.89 16.14 7.01
CA ARG A 92 -6.19 16.18 8.31
C ARG A 92 -4.78 15.63 8.17
N GLY A 93 -3.90 16.00 9.09
CA GLY A 93 -2.51 15.58 9.08
C GLY A 93 -1.59 16.46 9.90
N THR A 94 -0.91 15.86 10.87
CA THR A 94 0.01 16.49 11.80
C THR A 94 1.40 15.91 11.58
N GLY A 95 2.37 16.78 11.64
CA GLY A 95 3.76 16.41 11.48
C GLY A 95 4.71 17.59 11.61
N THR A 96 5.94 17.37 11.12
CA THR A 96 6.98 18.37 11.12
C THR A 96 7.68 18.41 9.80
N TYR A 97 8.32 19.55 9.50
CA TYR A 97 9.16 19.71 8.32
C TYR A 97 10.33 20.60 8.67
N PRO A 98 11.52 20.38 8.05
CA PRO A 98 12.68 21.18 8.46
C PRO A 98 12.84 22.49 7.72
N ILE A 99 13.49 23.42 8.41
CA ILE A 99 13.85 24.76 7.96
C ILE A 99 15.35 25.00 8.30
N ASP A 100 15.88 26.22 8.08
CA ASP A 100 17.28 26.52 8.40
C ASP A 100 17.46 27.81 9.22
N LYS B 2 10.95 7.71 28.85
CA LYS B 2 9.78 6.90 29.15
C LYS B 2 9.17 6.31 27.87
N SER B 3 8.90 5.00 27.90
CA SER B 3 8.31 4.23 26.81
C SER B 3 6.96 3.66 27.23
N TRP B 4 6.07 3.46 26.26
CA TRP B 4 4.76 2.88 26.52
C TRP B 4 4.22 2.23 25.27
N SER B 5 3.47 1.14 25.49
CA SER B 5 2.81 0.39 24.46
C SER B 5 1.45 0.00 24.97
N GLY B 6 0.47 0.11 24.09
CA GLY B 6 -0.90 -0.25 24.39
C GLY B 6 -1.69 -0.63 23.17
N GLU B 7 -2.61 -1.55 23.34
CA GLU B 7 -3.55 -2.00 22.31
C GLU B 7 -4.78 -1.07 22.45
N LEU B 8 -4.75 0.04 21.71
CA LEU B 8 -5.79 1.08 21.71
C LEU B 8 -7.23 0.60 21.69
N GLY B 9 -7.50 -0.39 20.87
CA GLY B 9 -8.83 -0.97 20.65
C GLY B 9 -8.92 -1.48 19.24
N GLY B 10 -9.71 -2.54 19.05
CA GLY B 10 -9.92 -3.20 17.76
C GLY B 10 -8.70 -3.85 17.18
N GLY B 11 -7.69 -4.10 18.01
CA GLY B 11 -6.44 -4.74 17.63
C GLY B 11 -5.27 -3.81 17.34
N ILE B 12 -5.53 -2.48 17.17
CA ILE B 12 -4.48 -1.48 16.91
C ILE B 12 -3.65 -1.20 18.15
N ILE B 13 -2.33 -1.36 18.02
CA ILE B 13 -1.30 -1.12 19.02
C ILE B 13 -0.66 0.25 18.75
N LEU B 14 -0.29 0.96 19.82
CA LEU B 14 0.46 2.21 19.71
C LEU B 14 1.59 2.13 20.68
N SER B 15 2.78 2.27 20.14
CA SER B 15 4.04 2.28 20.89
C SER B 15 4.50 3.73 20.87
N LEU B 16 4.94 4.22 22.04
CA LEU B 16 5.36 5.62 22.23
C LEU B 16 6.67 5.71 23.00
N ARG B 17 7.45 6.76 22.74
CA ARG B 17 8.70 7.06 23.43
C ARG B 17 8.85 8.57 23.55
N LYS B 18 8.93 9.07 24.79
CA LYS B 18 9.08 10.49 25.07
C LYS B 18 10.54 10.90 25.03
N LYS B 19 10.85 11.97 24.29
CA LYS B 19 12.20 12.56 24.20
C LYS B 19 12.05 14.07 24.28
N GLY B 20 12.14 14.60 25.51
CA GLY B 20 11.95 16.01 25.79
C GLY B 20 10.50 16.43 25.55
N THR B 21 10.31 17.36 24.61
CA THR B 21 8.97 17.87 24.24
C THR B 21 8.41 17.13 23.00
N THR B 22 9.06 16.05 22.60
CA THR B 22 8.68 15.31 21.42
C THR B 22 8.37 13.87 21.79
N VAL B 23 7.24 13.38 21.29
CA VAL B 23 6.90 11.99 21.42
C VAL B 23 7.12 11.32 20.06
N GLU B 24 7.82 10.18 20.09
CA GLU B 24 8.05 9.31 18.95
C GLU B 24 6.96 8.23 19.00
N TYR B 25 6.36 7.92 17.86
CA TYR B 25 5.31 6.91 17.83
C TYR B 25 5.52 5.86 16.74
N SER B 26 4.82 4.75 16.89
CA SER B 26 4.79 3.64 15.96
C SER B 26 3.46 2.95 16.10
N ILE B 27 2.66 2.94 15.01
CA ILE B 27 1.37 2.24 14.94
C ILE B 27 1.72 0.76 14.66
N GLY B 28 1.15 -0.15 15.47
CA GLY B 28 1.41 -1.58 15.30
C GLY B 28 0.17 -2.43 15.21
N GLY B 29 0.36 -3.74 15.42
CA GLY B 29 -0.70 -4.75 15.46
C GLY B 29 -1.46 -4.97 14.18
N GLU B 30 -2.68 -5.45 14.32
CA GLU B 30 -3.61 -5.75 13.22
C GLU B 30 -5.03 -5.66 13.70
N ILE B 31 -5.92 -5.18 12.82
CA ILE B 31 -7.35 -4.98 13.09
C ILE B 31 -7.99 -6.39 13.28
N SER B 32 -8.33 -6.72 14.54
CA SER B 32 -8.86 -8.02 14.94
C SER B 32 -10.38 -8.04 15.16
N SER B 33 -11.01 -6.85 15.24
CA SER B 33 -12.45 -6.70 15.41
C SER B 33 -12.90 -5.48 14.62
N SER B 34 -14.21 -5.26 14.51
CA SER B 34 -14.74 -4.14 13.74
C SER B 34 -14.54 -2.81 14.45
N ILE B 35 -14.00 -1.84 13.73
CA ILE B 35 -13.77 -0.48 14.23
C ILE B 35 -14.64 0.45 13.41
N LEU B 36 -15.53 1.19 14.07
CA LEU B 36 -16.43 2.11 13.40
C LEU B 36 -15.70 3.35 12.91
N ALA B 37 -16.21 3.95 11.83
CA ALA B 37 -15.66 5.18 11.31
C ALA B 37 -15.85 6.26 12.35
N ASN B 38 -14.78 7.02 12.62
CA ASN B 38 -14.85 8.17 13.54
C ASN B 38 -15.07 7.78 15.00
N SER B 39 -14.71 6.54 15.36
CA SER B 39 -14.93 6.01 16.70
C SER B 39 -13.75 6.14 17.64
N ASN B 40 -14.05 6.18 18.94
CA ASN B 40 -13.05 6.21 19.99
C ASN B 40 -12.46 4.80 20.17
N LEU B 41 -11.15 4.75 20.39
CA LEU B 41 -10.45 3.51 20.69
C LEU B 41 -10.39 3.51 22.22
N VAL B 42 -11.26 2.68 22.80
CA VAL B 42 -11.57 2.64 24.24
C VAL B 42 -10.85 1.61 25.11
N ASN B 43 -10.03 0.71 24.52
CA ASN B 43 -9.34 -0.30 25.33
C ASN B 43 -8.18 0.31 26.08
N ARG B 44 -7.44 1.20 25.41
CA ARG B 44 -6.32 1.89 26.08
C ARG B 44 -6.31 3.37 25.80
N SER B 45 -5.91 4.14 26.80
CA SER B 45 -5.79 5.60 26.71
C SER B 45 -4.32 5.95 26.74
N VAL B 46 -3.87 6.90 25.91
CA VAL B 46 -2.46 7.35 25.88
C VAL B 46 -2.22 7.98 27.26
N PRO B 47 -1.25 7.46 28.09
CA PRO B 47 -1.04 8.05 29.41
C PRO B 47 -0.72 9.53 29.32
N ASN B 48 -1.00 10.29 30.42
CA ASN B 48 -0.83 11.75 30.58
C ASN B 48 0.50 12.33 30.07
N GLU B 49 1.61 11.64 30.36
CA GLU B 49 2.95 12.08 30.01
C GLU B 49 3.19 12.11 28.51
N PHE B 50 2.33 11.44 27.72
CA PHE B 50 2.46 11.43 26.27
C PHE B 50 1.34 12.22 25.61
N CYS B 51 0.41 12.80 26.40
CA CYS B 51 -0.73 13.54 25.85
C CYS B 51 -0.35 14.91 25.36
N PRO B 52 -0.69 15.27 24.10
CA PRO B 52 -0.31 16.62 23.59
C PRO B 52 -1.25 17.74 24.05
N ARG B 53 -0.87 19.01 23.87
CA ARG B 53 -1.74 20.15 24.24
C ARG B 53 -2.79 20.30 23.12
N ASN B 54 -2.34 20.08 21.88
CA ASN B 54 -3.18 20.14 20.69
C ASN B 54 -3.35 18.76 20.08
N ARG B 55 -4.52 18.52 19.48
CA ARG B 55 -4.93 17.30 18.82
C ARG B 55 -3.95 16.97 17.67
N CYS B 56 -3.35 15.77 17.70
CA CYS B 56 -2.43 15.30 16.67
C CYS B 56 -3.09 14.27 15.77
N SER B 57 -3.03 14.46 14.43
CA SER B 57 -3.59 13.52 13.45
C SER B 57 -2.47 12.72 12.84
N LEU B 58 -2.38 11.46 13.27
CA LEU B 58 -1.34 10.54 12.82
C LEU B 58 -1.73 9.72 11.61
N VAL B 59 -1.12 10.04 10.47
CA VAL B 59 -1.40 9.39 9.19
C VAL B 59 -0.66 8.06 9.09
N GLY B 60 -1.43 7.00 8.87
CA GLY B 60 -0.87 5.66 8.73
C GLY B 60 -1.25 5.04 7.41
N HIS B 61 -0.70 3.85 7.15
CA HIS B 61 -0.94 3.11 5.92
C HIS B 61 -1.23 1.63 6.22
N MET B 62 -2.17 1.03 5.47
CA MET B 62 -2.52 -0.38 5.60
C MET B 62 -1.61 -1.21 4.67
N VAL B 63 -0.91 -2.21 5.22
CA VAL B 63 0.01 -3.10 4.48
C VAL B 63 -0.71 -3.80 3.28
N GLY B 64 -0.03 -3.81 2.14
CA GLY B 64 -0.47 -4.53 0.94
C GLY B 64 -1.37 -3.83 -0.06
N GLY B 65 -1.76 -2.59 0.22
CA GLY B 65 -2.61 -1.83 -0.68
C GLY B 65 -2.22 -0.37 -0.70
N TRP B 66 -3.12 0.48 -1.25
CA TRP B 66 -2.91 1.91 -1.33
C TRP B 66 -3.66 2.67 -0.21
N ASN B 67 -4.28 1.94 0.71
CA ASN B 67 -5.10 2.48 1.80
C ASN B 67 -4.39 3.23 2.92
N ALA B 68 -4.90 4.43 3.21
CA ALA B 68 -4.40 5.25 4.30
C ALA B 68 -5.52 5.53 5.30
N PHE B 69 -5.15 5.92 6.50
CA PHE B 69 -6.06 6.28 7.58
C PHE B 69 -5.35 7.34 8.44
N HIS B 70 -6.01 7.81 9.49
CA HIS B 70 -5.44 8.62 10.54
C HIS B 70 -6.09 8.35 11.90
N ILE B 71 -5.28 8.44 12.93
CA ILE B 71 -5.67 8.28 14.32
C ILE B 71 -5.32 9.59 14.99
N ASP B 72 -6.30 10.11 15.71
CA ASP B 72 -6.17 11.36 16.42
C ASP B 72 -5.79 11.10 17.84
N ILE B 73 -4.81 11.85 18.34
CA ILE B 73 -4.47 11.80 19.76
C ILE B 73 -4.86 13.17 20.31
N PRO B 74 -6.05 13.28 20.95
CA PRO B 74 -6.40 14.56 21.59
C PRO B 74 -5.70 14.63 22.97
N SER B 75 -5.85 15.77 23.67
CA SER B 75 -5.23 16.03 24.98
C SER B 75 -5.67 15.03 26.06
N SER B 76 -6.84 14.40 25.89
CA SER B 76 -7.40 13.41 26.80
C SER B 76 -6.68 12.01 26.70
N GLY B 77 -6.04 11.73 25.56
CA GLY B 77 -5.39 10.44 25.31
C GLY B 77 -6.36 9.38 24.81
N VAL B 78 -7.64 9.76 24.56
CA VAL B 78 -8.67 8.84 24.05
C VAL B 78 -8.60 8.95 22.55
N CYS B 79 -7.81 8.04 21.94
CA CYS B 79 -7.58 8.07 20.50
C CYS B 79 -8.79 7.81 19.67
N GLN B 80 -8.78 8.38 18.45
CA GLN B 80 -9.89 8.20 17.55
C GLN B 80 -9.45 7.73 16.21
N TRP B 81 -10.25 6.84 15.63
CA TRP B 81 -9.99 6.27 14.32
C TRP B 81 -10.75 7.10 13.27
N PHE B 82 -10.07 7.61 12.23
CA PHE B 82 -10.70 8.43 11.21
C PHE B 82 -10.65 7.85 9.82
N GLY B 83 -10.44 6.54 9.77
CA GLY B 83 -10.52 5.78 8.54
C GLY B 83 -11.98 5.38 8.42
N PRO B 84 -12.39 4.56 7.42
CA PRO B 84 -13.80 4.16 7.36
C PRO B 84 -14.01 2.99 8.32
N THR B 85 -15.22 2.43 8.38
CA THR B 85 -15.46 1.26 9.20
C THR B 85 -14.61 0.13 8.62
N ALA B 86 -13.79 -0.50 9.46
CA ALA B 86 -12.88 -1.55 9.03
C ALA B 86 -12.84 -2.68 10.06
N SER B 87 -12.61 -3.92 9.60
CA SER B 87 -12.57 -5.10 10.45
C SER B 87 -11.34 -5.96 10.14
N SER B 88 -10.52 -5.54 9.17
CA SER B 88 -9.29 -6.23 8.79
C SER B 88 -8.20 -5.26 8.32
N GLY B 89 -6.96 -5.76 8.28
CA GLY B 89 -5.81 -4.99 7.84
C GLY B 89 -4.71 -4.81 8.87
N THR B 90 -3.50 -4.50 8.38
CA THR B 90 -2.29 -4.32 9.17
C THR B 90 -1.91 -2.81 9.17
N PRO B 91 -2.30 -2.02 10.22
CA PRO B 91 -1.96 -0.58 10.24
C PRO B 91 -0.51 -0.30 10.64
N ARG B 92 0.19 0.58 9.89
CA ARG B 92 1.59 0.96 10.19
C ARG B 92 1.78 2.47 10.01
N GLY B 93 2.81 3.01 10.66
CA GLY B 93 3.12 4.43 10.59
C GLY B 93 3.98 4.93 11.74
N THR B 94 5.15 5.44 11.39
CA THR B 94 6.15 5.95 12.33
C THR B 94 6.32 7.44 12.13
N GLY B 95 6.52 8.12 13.24
CA GLY B 95 6.73 9.56 13.24
C GLY B 95 6.90 10.14 14.62
N THR B 96 6.71 11.45 14.68
CA THR B 96 6.79 12.22 15.92
C THR B 96 5.64 13.19 16.01
N TYR B 97 5.32 13.57 17.25
CA TYR B 97 4.33 14.61 17.52
C TYR B 97 4.80 15.45 18.71
N PRO B 98 4.45 16.74 18.77
CA PRO B 98 4.96 17.58 19.86
C PRO B 98 4.10 17.60 21.11
N ILE B 99 4.76 17.90 22.24
CA ILE B 99 4.21 18.07 23.58
C ILE B 99 4.78 19.42 24.14
N ASP B 100 4.56 19.73 25.44
CA ASP B 100 5.08 20.97 26.02
C ASP B 100 5.85 20.78 27.33
N LYS C 2 24.70 15.55 9.20
CA LYS C 2 24.97 14.59 8.13
C LYS C 2 23.73 14.37 7.26
N SER C 3 23.92 14.44 5.93
CA SER C 3 22.88 14.25 4.91
C SER C 3 23.23 13.07 4.02
N TRP C 4 22.23 12.42 3.44
CA TRP C 4 22.42 11.28 2.52
C TRP C 4 21.18 11.11 1.63
N SER C 5 21.43 10.68 0.41
CA SER C 5 20.41 10.35 -0.57
C SER C 5 20.87 9.11 -1.30
N GLY C 6 19.93 8.22 -1.56
CA GLY C 6 20.20 7.00 -2.32
C GLY C 6 18.92 6.48 -2.94
N GLU C 7 19.03 5.94 -4.16
CA GLU C 7 17.90 5.30 -4.83
C GLU C 7 17.78 3.85 -4.27
N LEU C 8 16.86 3.66 -3.32
CA LEU C 8 16.66 2.38 -2.60
C LEU C 8 16.49 1.20 -3.53
N GLY C 9 15.61 1.37 -4.51
CA GLY C 9 15.28 0.39 -5.54
C GLY C 9 14.01 0.79 -6.27
N GLY C 10 13.83 0.29 -7.49
CA GLY C 10 12.65 0.53 -8.32
C GLY C 10 12.46 1.98 -8.73
N GLY C 11 13.52 2.76 -8.61
CA GLY C 11 13.55 4.19 -8.89
C GLY C 11 13.25 5.08 -7.68
N ILE C 12 12.85 4.49 -6.54
CA ILE C 12 12.50 5.26 -5.33
C ILE C 12 13.72 5.86 -4.62
N ILE C 13 13.70 7.18 -4.44
CA ILE C 13 14.80 7.87 -3.76
C ILE C 13 14.39 8.14 -2.33
N LEU C 14 15.36 7.96 -1.43
CA LEU C 14 15.19 8.34 -0.04
C LEU C 14 16.29 9.33 0.31
N SER C 15 15.88 10.54 0.74
CA SER C 15 16.79 11.60 1.20
C SER C 15 16.68 11.71 2.69
N LEU C 16 17.82 11.66 3.37
CA LEU C 16 17.91 11.71 4.82
C LEU C 16 18.80 12.83 5.39
N ARG C 17 18.42 13.36 6.56
CA ARG C 17 19.19 14.38 7.29
C ARG C 17 19.07 14.09 8.77
N LYS C 18 20.23 13.84 9.42
CA LYS C 18 20.31 13.53 10.83
C LYS C 18 20.37 14.79 11.67
N LYS C 19 19.48 14.89 12.68
CA LYS C 19 19.44 16.02 13.63
C LYS C 19 19.27 15.42 15.02
N GLY C 20 20.41 15.17 15.68
CA GLY C 20 20.49 14.53 16.98
C GLY C 20 20.04 13.09 16.90
N THR C 21 18.95 12.74 17.61
CA THR C 21 18.39 11.39 17.62
C THR C 21 17.23 11.24 16.64
N THR C 22 17.02 12.23 15.77
CA THR C 22 15.92 12.26 14.83
C THR C 22 16.44 12.39 13.41
N VAL C 23 15.91 11.52 12.53
CA VAL C 23 16.23 11.56 11.12
C VAL C 23 15.02 12.13 10.39
N GLU C 24 15.30 13.13 9.55
CA GLU C 24 14.34 13.81 8.69
C GLU C 24 14.43 13.13 7.32
N TYR C 25 13.27 12.79 6.76
CA TYR C 25 13.21 12.10 5.48
C TYR C 25 12.37 12.79 4.42
N SER C 26 12.72 12.54 3.16
CA SER C 26 11.99 13.03 1.98
C SER C 26 12.03 11.93 0.92
N ILE C 27 10.86 11.44 0.49
CA ILE C 27 10.73 10.43 -0.54
C ILE C 27 10.68 11.18 -1.89
N GLY C 28 11.49 10.70 -2.85
CA GLY C 28 11.63 11.30 -4.17
C GLY C 28 11.64 10.25 -5.27
N GLY C 29 12.08 10.68 -6.44
CA GLY C 29 12.13 9.83 -7.61
C GLY C 29 10.77 9.47 -8.17
N GLU C 30 10.75 8.42 -8.98
CA GLU C 30 9.55 7.85 -9.56
C GLU C 30 9.78 6.37 -9.78
N ILE C 31 8.72 5.54 -9.74
CA ILE C 31 8.88 4.11 -9.95
C ILE C 31 9.22 3.83 -11.42
N SER C 32 10.44 3.30 -11.66
CA SER C 32 10.97 3.03 -12.98
C SER C 32 10.97 1.54 -13.36
N SER C 33 10.74 0.67 -12.39
CA SER C 33 10.69 -0.78 -12.59
C SER C 33 9.67 -1.35 -11.63
N SER C 34 9.34 -2.63 -11.77
CA SER C 34 8.35 -3.27 -10.93
C SER C 34 8.86 -3.55 -9.52
N ILE C 35 8.07 -3.17 -8.52
CA ILE C 35 8.39 -3.37 -7.11
C ILE C 35 7.32 -4.28 -6.55
N LEU C 36 7.72 -5.46 -6.11
CA LEU C 36 6.78 -6.43 -5.56
C LEU C 36 6.26 -6.00 -4.20
N ALA C 37 5.03 -6.40 -3.85
CA ALA C 37 4.43 -6.12 -2.55
C ALA C 37 5.27 -6.82 -1.49
N ASN C 38 5.58 -6.09 -0.40
CA ASN C 38 6.35 -6.58 0.74
C ASN C 38 7.82 -6.99 0.40
N SER C 39 8.37 -6.41 -0.68
CA SER C 39 9.74 -6.74 -1.13
C SER C 39 10.83 -5.81 -0.59
N ASN C 40 12.06 -6.32 -0.59
CA ASN C 40 13.28 -5.63 -0.21
C ASN C 40 13.71 -4.68 -1.32
N LEU C 41 14.20 -3.51 -0.91
CA LEU C 41 14.74 -2.51 -1.82
C LEU C 41 16.23 -2.72 -1.72
N VAL C 42 16.75 -3.35 -2.76
CA VAL C 42 18.11 -3.86 -2.81
C VAL C 42 19.17 -3.05 -3.55
N ASN C 43 18.80 -1.92 -4.17
CA ASN C 43 19.80 -1.10 -4.88
C ASN C 43 20.68 -0.28 -3.92
N ARG C 44 20.08 0.28 -2.87
CA ARG C 44 20.79 1.08 -1.88
C ARG C 44 20.22 0.86 -0.51
N SER C 45 21.13 0.68 0.45
CA SER C 45 20.80 0.44 1.86
C SER C 45 20.95 1.74 2.59
N VAL C 46 20.13 1.96 3.62
CA VAL C 46 20.30 3.16 4.42
C VAL C 46 21.59 3.05 5.25
N PRO C 47 22.49 4.08 5.22
CA PRO C 47 23.75 4.01 5.96
C PRO C 47 23.56 3.85 7.45
N ASN C 48 24.54 3.21 8.09
CA ASN C 48 24.55 2.90 9.51
C ASN C 48 24.14 4.05 10.44
N GLU C 49 24.62 5.26 10.13
CA GLU C 49 24.36 6.44 10.95
C GLU C 49 22.88 6.88 10.91
N PHE C 50 22.11 6.37 9.92
CA PHE C 50 20.70 6.69 9.80
C PHE C 50 19.83 5.48 10.12
N CYS C 51 20.46 4.35 10.50
CA CYS C 51 19.68 3.12 10.83
C CYS C 51 19.06 3.17 12.22
N PRO C 52 17.74 2.91 12.32
CA PRO C 52 17.09 2.99 13.66
C PRO C 52 17.27 1.71 14.47
N ARG C 53 17.01 1.76 15.80
CA ARG C 53 17.10 0.61 16.70
C ARG C 53 15.90 -0.30 16.42
N ASN C 54 14.73 0.32 16.18
CA ASN C 54 13.49 -0.41 15.88
C ASN C 54 13.03 -0.05 14.48
N ARG C 55 12.34 -0.98 13.86
CA ARG C 55 11.75 -0.91 12.51
C ARG C 55 10.82 0.31 12.37
N CYS C 56 11.10 1.18 11.39
CA CYS C 56 10.34 2.41 11.18
C CYS C 56 9.52 2.35 9.92
N SER C 57 8.22 2.71 9.99
CA SER C 57 7.29 2.71 8.87
C SER C 57 7.02 4.12 8.35
N LEU C 58 7.66 4.45 7.24
CA LEU C 58 7.60 5.76 6.64
C LEU C 58 6.50 5.85 5.60
N VAL C 59 5.43 6.61 5.92
CA VAL C 59 4.24 6.79 5.08
C VAL C 59 4.46 7.82 3.98
N GLY C 60 4.03 7.48 2.79
CA GLY C 60 4.10 8.37 1.65
C GLY C 60 2.83 8.39 0.81
N HIS C 61 2.83 9.24 -0.22
CA HIS C 61 1.69 9.40 -1.10
C HIS C 61 2.12 9.45 -2.57
N MET C 62 1.32 8.83 -3.44
CA MET C 62 1.58 8.84 -4.89
C MET C 62 0.89 10.07 -5.53
N VAL C 63 1.66 10.89 -6.25
CA VAL C 63 1.19 12.12 -6.92
C VAL C 63 -0.01 11.85 -7.85
N GLY C 64 -1.02 12.73 -7.77
CA GLY C 64 -2.16 12.70 -8.65
C GLY C 64 -3.41 11.95 -8.25
N GLY C 65 -3.33 11.11 -7.22
CA GLY C 65 -4.47 10.33 -6.77
C GLY C 65 -4.60 10.27 -5.26
N TRP C 66 -5.34 9.28 -4.76
CA TRP C 66 -5.58 9.09 -3.33
C TRP C 66 -4.68 7.98 -2.74
N ASN C 67 -3.77 7.43 -3.54
CA ASN C 67 -2.90 6.32 -3.14
C ASN C 67 -1.78 6.60 -2.15
N ALA C 68 -1.73 5.80 -1.09
CA ALA C 68 -0.67 5.90 -0.08
C ALA C 68 0.10 4.58 -0.01
N PHE C 69 1.29 4.64 0.58
CA PHE C 69 2.17 3.48 0.75
C PHE C 69 3.01 3.74 1.99
N HIS C 70 3.86 2.76 2.34
CA HIS C 70 4.86 2.88 3.38
C HIS C 70 6.06 2.03 3.09
N ILE C 71 7.21 2.52 3.51
CA ILE C 71 8.51 1.89 3.37
C ILE C 71 9.03 1.74 4.79
N ASP C 72 9.41 0.49 5.18
CA ASP C 72 9.96 0.25 6.51
C ASP C 72 11.46 0.29 6.42
N ILE C 73 12.07 0.91 7.41
CA ILE C 73 13.51 0.92 7.55
C ILE C 73 13.81 0.03 8.78
N PRO C 74 14.32 -1.19 8.59
CA PRO C 74 14.75 -1.99 9.74
C PRO C 74 16.14 -1.52 10.21
N SER C 75 16.70 -2.13 11.28
CA SER C 75 18.01 -1.77 11.83
C SER C 75 19.17 -2.04 10.85
N SER C 76 18.98 -2.98 9.92
CA SER C 76 19.90 -3.34 8.86
C SER C 76 19.98 -2.27 7.75
N GLY C 77 18.93 -1.46 7.60
CA GLY C 77 18.83 -0.43 6.57
C GLY C 77 18.35 -0.94 5.22
N VAL C 78 18.03 -2.26 5.13
CA VAL C 78 17.51 -2.89 3.92
C VAL C 78 16.02 -2.67 3.95
N CYS C 79 15.60 -1.58 3.29
CA CYS C 79 14.19 -1.16 3.23
C CYS C 79 13.26 -2.12 2.54
N GLN C 80 12.02 -2.18 3.05
CA GLN C 80 10.98 -3.02 2.47
C GLN C 80 9.80 -2.17 2.11
N TRP C 81 9.26 -2.39 0.92
CA TRP C 81 8.11 -1.68 0.35
C TRP C 81 6.84 -2.39 0.83
N PHE C 82 5.86 -1.65 1.40
CA PHE C 82 4.64 -2.26 1.91
C PHE C 82 3.37 -1.78 1.23
N GLY C 83 3.56 -1.23 0.04
CA GLY C 83 2.44 -0.87 -0.83
C GLY C 83 2.13 -2.15 -1.61
N PRO C 84 1.20 -2.14 -2.57
CA PRO C 84 0.99 -3.36 -3.36
C PRO C 84 2.06 -3.42 -4.45
N THR C 85 2.02 -4.43 -5.34
CA THR C 85 2.96 -4.50 -6.44
C THR C 85 2.69 -3.28 -7.33
N ALA C 86 3.75 -2.52 -7.64
CA ALA C 86 3.66 -1.30 -8.43
C ALA C 86 4.81 -1.19 -9.40
N SER C 87 4.57 -0.56 -10.56
CA SER C 87 5.58 -0.37 -11.61
C SER C 87 5.58 1.06 -12.14
N SER C 88 4.70 1.92 -11.59
CA SER C 88 4.59 3.33 -11.96
C SER C 88 4.16 4.18 -10.79
N GLY C 89 4.27 5.49 -10.97
CA GLY C 89 3.87 6.49 -9.99
C GLY C 89 5.03 7.28 -9.44
N THR C 90 4.71 8.46 -8.87
CA THR C 90 5.65 9.42 -8.29
C THR C 90 5.48 9.43 -6.77
N PRO C 91 6.36 8.72 -6.02
CA PRO C 91 6.23 8.67 -4.57
C PRO C 91 6.82 9.88 -3.81
N ARG C 92 6.04 10.50 -2.91
CA ARG C 92 6.47 11.67 -2.12
C ARG C 92 6.10 11.54 -0.64
N GLY C 93 6.71 12.37 0.21
CA GLY C 93 6.42 12.36 1.64
C GLY C 93 7.56 12.82 2.49
N THR C 94 7.32 13.85 3.30
CA THR C 94 8.31 14.43 4.21
C THR C 94 7.87 14.09 5.64
N GLY C 95 8.81 13.59 6.44
CA GLY C 95 8.56 13.21 7.83
C GLY C 95 9.82 13.03 8.63
N THR C 96 9.67 12.35 9.77
CA THR C 96 10.80 12.04 10.65
C THR C 96 10.70 10.62 11.21
N TYR C 97 11.83 10.08 11.65
CA TYR C 97 11.86 8.81 12.36
C TYR C 97 12.95 8.85 13.45
N PRO C 98 12.78 8.13 14.56
CA PRO C 98 13.80 8.23 15.62
C PRO C 98 14.96 7.25 15.48
N ILE C 99 16.15 7.63 15.94
CA ILE C 99 17.31 6.74 15.94
C ILE C 99 17.26 5.88 17.22
N ASP C 100 17.28 6.55 18.42
CA ASP C 100 17.29 5.96 19.77
C ASP C 100 18.16 4.74 19.98
N VAL D 2 16.67 -26.47 -19.23
CA VAL D 2 17.46 -26.59 -17.99
C VAL D 2 17.82 -25.19 -17.45
N GLN D 3 18.24 -24.26 -18.35
CA GLN D 3 18.43 -22.85 -17.99
C GLN D 3 17.21 -22.10 -18.54
N LEU D 4 16.51 -21.29 -17.68
CA LEU D 4 15.27 -20.57 -18.03
C LEU D 4 15.32 -19.09 -17.67
N VAL D 5 15.08 -18.22 -18.69
CA VAL D 5 15.06 -16.75 -18.52
C VAL D 5 13.80 -16.14 -19.11
N GLU D 6 13.06 -15.39 -18.30
CA GLU D 6 11.86 -14.77 -18.80
C GLU D 6 11.99 -13.30 -19.09
N SER D 7 11.45 -12.93 -20.25
CA SER D 7 11.48 -11.60 -20.85
C SER D 7 10.05 -11.10 -21.10
N GLY D 8 9.92 -9.79 -21.30
CA GLY D 8 8.63 -9.14 -21.51
C GLY D 8 8.03 -8.87 -20.15
N GLY D 9 6.79 -8.39 -20.12
CA GLY D 9 6.15 -8.11 -18.84
C GLY D 9 6.46 -6.74 -18.30
N GLY D 10 5.44 -6.12 -17.76
CA GLY D 10 5.49 -4.78 -17.20
C GLY D 10 4.09 -4.29 -16.93
N LEU D 11 3.92 -2.96 -16.96
CA LEU D 11 2.61 -2.35 -16.70
C LEU D 11 1.81 -2.23 -17.97
N VAL D 12 0.50 -2.48 -17.84
CA VAL D 12 -0.51 -2.40 -18.89
C VAL D 12 -1.88 -2.14 -18.24
N GLN D 13 -2.93 -1.83 -19.03
CA GLN D 13 -4.26 -1.56 -18.46
C GLN D 13 -5.26 -2.70 -18.68
N ALA D 14 -6.45 -2.62 -18.03
CA ALA D 14 -7.50 -3.62 -18.14
C ALA D 14 -8.00 -3.74 -19.60
N GLY D 15 -8.05 -4.97 -20.09
CA GLY D 15 -8.47 -5.30 -21.45
C GLY D 15 -7.31 -5.38 -22.43
N ASP D 16 -6.12 -4.90 -22.03
CA ASP D 16 -4.93 -4.91 -22.89
C ASP D 16 -4.27 -6.29 -23.04
N SER D 17 -3.24 -6.39 -23.88
CA SER D 17 -2.54 -7.64 -24.13
C SER D 17 -1.05 -7.54 -23.87
N LEU D 18 -0.44 -8.67 -23.47
CA LEU D 18 0.99 -8.75 -23.20
C LEU D 18 1.55 -10.12 -23.57
N ARG D 19 2.72 -10.11 -24.20
CA ARG D 19 3.42 -11.32 -24.61
C ARG D 19 4.69 -11.47 -23.79
N LEU D 20 4.85 -12.64 -23.21
CA LEU D 20 6.01 -12.96 -22.41
C LEU D 20 6.86 -13.97 -23.15
N SER D 21 8.17 -13.95 -22.88
CA SER D 21 9.08 -14.85 -23.56
C SER D 21 9.91 -15.65 -22.61
N CYS D 22 10.12 -16.92 -22.93
CA CYS D 22 10.92 -17.80 -22.12
C CYS D 22 12.01 -18.39 -22.97
N ALA D 23 13.24 -18.01 -22.64
CA ALA D 23 14.39 -18.51 -23.35
C ALA D 23 14.91 -19.73 -22.65
N VAL D 24 14.92 -20.85 -23.38
CA VAL D 24 15.33 -22.14 -22.84
C VAL D 24 16.66 -22.58 -23.42
N SER D 25 17.57 -23.09 -22.55
CA SER D 25 18.88 -23.60 -22.92
C SER D 25 19.12 -24.97 -22.25
N SER D 31 14.14 -31.96 -20.72
CA SER D 31 12.82 -31.34 -20.73
C SER D 31 12.19 -31.41 -22.10
N ASN D 32 10.89 -31.54 -22.11
CA ASN D 32 10.16 -31.50 -23.32
C ASN D 32 9.09 -30.47 -23.22
N VAL D 33 8.51 -30.36 -22.04
CA VAL D 33 7.36 -29.48 -21.82
C VAL D 33 7.71 -28.25 -21.02
N ILE D 34 7.21 -27.12 -21.45
CA ILE D 34 7.47 -25.84 -20.84
C ILE D 34 6.19 -25.34 -20.22
N GLY D 35 6.19 -25.22 -18.91
CA GLY D 35 5.04 -24.76 -18.15
C GLY D 35 5.09 -23.29 -17.79
N TRP D 36 3.92 -22.71 -17.53
CA TRP D 36 3.75 -21.33 -17.18
C TRP D 36 2.94 -21.24 -15.89
N PHE D 37 3.51 -20.57 -14.89
CA PHE D 37 2.89 -20.41 -13.58
C PHE D 37 2.84 -18.94 -13.20
N ARG D 38 1.83 -18.56 -12.41
CA ARG D 38 1.70 -17.21 -11.91
C ARG D 38 1.52 -17.19 -10.38
N GLN D 39 2.15 -16.20 -9.71
CA GLN D 39 1.98 -16.03 -8.27
C GLN D 39 1.93 -14.58 -7.84
N ALA D 40 0.77 -14.16 -7.33
CA ALA D 40 0.52 -12.82 -6.80
C ALA D 40 1.08 -12.78 -5.34
N PRO D 41 1.09 -11.63 -4.59
CA PRO D 41 1.60 -11.65 -3.20
C PRO D 41 0.54 -12.15 -2.21
N GLY D 42 0.90 -13.03 -1.27
CA GLY D 42 -0.04 -13.60 -0.30
C GLY D 42 -1.20 -14.37 -0.92
N LYS D 43 -0.90 -15.04 -2.06
CA LYS D 43 -1.85 -15.85 -2.82
C LYS D 43 -1.22 -17.14 -3.31
N GLU D 44 -2.08 -18.11 -3.61
CA GLU D 44 -1.70 -19.44 -4.10
C GLU D 44 -1.07 -19.33 -5.48
N ARG D 45 0.05 -20.07 -5.69
CA ARG D 45 0.70 -20.14 -7.00
C ARG D 45 -0.26 -20.91 -7.93
N GLU D 46 -0.46 -20.38 -9.15
CA GLU D 46 -1.38 -20.99 -10.09
C GLU D 46 -0.69 -21.42 -11.37
N PHE D 47 -1.17 -22.53 -11.94
CA PHE D 47 -0.66 -22.96 -13.23
C PHE D 47 -1.42 -22.14 -14.25
N VAL D 48 -0.77 -21.80 -15.37
CA VAL D 48 -1.42 -21.02 -16.42
C VAL D 48 -1.53 -21.84 -17.71
N ALA D 49 -0.39 -22.31 -18.23
CA ALA D 49 -0.33 -23.02 -19.50
C ALA D 49 0.91 -23.88 -19.62
N ALA D 50 0.85 -24.85 -20.51
CA ALA D 50 2.01 -25.70 -20.80
C ALA D 50 2.10 -25.96 -22.29
N ILE D 51 3.30 -26.29 -22.74
CA ILE D 51 3.55 -26.49 -24.16
C ILE D 51 4.71 -27.42 -24.35
N SER D 52 4.54 -28.41 -25.22
CA SER D 52 5.66 -29.29 -25.51
C SER D 52 6.55 -28.66 -26.58
N TRP D 53 7.83 -28.99 -26.53
CA TRP D 53 8.84 -28.54 -27.47
C TRP D 53 8.71 -29.36 -28.75
N SER D 54 8.72 -30.71 -28.65
CA SER D 54 8.65 -31.61 -29.82
C SER D 54 7.41 -31.38 -30.64
N THR D 55 6.23 -31.67 -30.07
CA THR D 55 4.95 -31.39 -30.70
C THR D 55 4.68 -29.94 -30.30
N GLY D 56 3.57 -29.37 -30.77
CA GLY D 56 3.21 -28.01 -30.43
C GLY D 56 1.98 -27.93 -29.55
N SER D 57 1.61 -29.08 -28.94
CA SER D 57 0.46 -29.27 -28.07
C SER D 57 0.50 -28.32 -26.88
N THR D 58 -0.64 -27.69 -26.65
CA THR D 58 -0.88 -26.75 -25.58
C THR D 58 -1.93 -27.31 -24.62
N TYR D 59 -1.85 -26.87 -23.39
CA TYR D 59 -2.81 -27.16 -22.37
C TYR D 59 -2.89 -25.90 -21.52
N TYR D 60 -4.11 -25.50 -21.21
CA TYR D 60 -4.37 -24.29 -20.44
C TYR D 60 -5.05 -24.58 -19.11
N GLY D 61 -4.53 -23.94 -18.08
CA GLY D 61 -5.06 -24.09 -16.74
C GLY D 61 -6.36 -23.33 -16.52
N ARG D 62 -6.93 -23.58 -15.37
CA ARG D 62 -8.14 -22.97 -14.82
C ARG D 62 -8.05 -21.45 -14.93
N SER D 63 -6.92 -20.88 -14.44
CA SER D 63 -6.64 -19.45 -14.27
C SER D 63 -6.96 -18.53 -15.42
N MET D 64 -6.47 -18.86 -16.63
CA MET D 64 -6.66 -17.96 -17.77
C MET D 64 -7.18 -18.64 -19.06
N LYS D 65 -8.27 -19.41 -18.94
CA LYS D 65 -8.86 -20.14 -20.07
C LYS D 65 -9.57 -19.19 -21.04
N GLY D 66 -9.29 -19.34 -22.33
CA GLY D 66 -9.86 -18.51 -23.39
C GLY D 66 -9.26 -17.13 -23.52
N ARG D 67 -8.37 -16.74 -22.59
CA ARG D 67 -7.71 -15.43 -22.62
C ARG D 67 -6.20 -15.52 -22.56
N CYS D 68 -5.66 -16.68 -22.93
CA CYS D 68 -4.22 -16.89 -23.00
C CYS D 68 -3.86 -17.95 -24.01
N ALA D 69 -2.69 -17.80 -24.62
CA ALA D 69 -2.20 -18.69 -25.66
C ALA D 69 -0.70 -18.84 -25.61
N ALA D 70 -0.23 -20.09 -25.73
CA ALA D 70 1.17 -20.48 -25.71
C ALA D 70 1.65 -20.70 -27.14
N SER D 71 2.90 -20.31 -27.42
CA SER D 71 3.50 -20.39 -28.75
C SER D 71 4.92 -20.92 -28.60
N ARG D 72 5.39 -21.68 -29.58
CA ARG D 72 6.74 -22.22 -29.52
C ARG D 72 7.51 -21.88 -30.77
N ASP D 73 8.84 -21.93 -30.67
CA ASP D 73 9.75 -21.61 -31.77
C ASP D 73 11.01 -22.50 -31.71
N ASN D 77 14.58 -20.83 -30.22
CA ASN D 77 14.73 -21.44 -28.89
C ASN D 77 14.12 -20.58 -27.77
N THR D 78 12.83 -20.23 -28.00
CA THR D 78 11.98 -19.38 -27.18
C THR D 78 10.53 -19.89 -27.13
N VAL D 79 9.92 -19.70 -25.97
CA VAL D 79 8.52 -20.04 -25.67
C VAL D 79 7.80 -18.73 -25.37
N ALA D 80 6.63 -18.50 -25.97
CA ALA D 80 5.91 -17.26 -25.69
C ALA D 80 4.55 -17.45 -25.02
N LEU D 81 4.19 -16.55 -24.12
CA LEU D 81 2.88 -16.61 -23.49
C LEU D 81 2.16 -15.29 -23.73
N GLN D 82 1.12 -15.34 -24.56
CA GLN D 82 0.35 -14.18 -24.89
C GLN D 82 -0.92 -14.21 -24.08
N LEU D 83 -1.10 -13.17 -23.30
CA LEU D 83 -2.25 -12.99 -22.43
C LEU D 83 -3.07 -11.85 -23.01
N ASN D 84 -4.39 -12.04 -23.04
CA ASN D 84 -5.36 -11.08 -23.60
C ASN D 84 -6.43 -10.82 -22.56
N SER D 85 -7.22 -9.73 -22.77
CA SER D 85 -8.36 -9.36 -21.91
C SER D 85 -7.90 -9.27 -20.43
N LEU D 86 -6.66 -8.85 -20.23
CA LEU D 86 -5.95 -8.76 -18.97
C LEU D 86 -6.71 -8.04 -17.88
N LYS D 87 -6.42 -8.33 -16.63
CA LYS D 87 -7.15 -7.71 -15.53
C LYS D 87 -6.28 -7.42 -14.35
N PRO D 88 -6.72 -6.50 -13.50
CA PRO D 88 -6.21 -6.41 -12.15
C PRO D 88 -6.82 -7.58 -11.46
N GLU D 89 -5.99 -8.52 -11.03
CA GLU D 89 -6.34 -9.84 -10.56
C GLU D 89 -5.35 -10.70 -11.30
N ASP D 90 -5.15 -10.44 -12.58
CA ASP D 90 -4.15 -11.18 -13.33
C ASP D 90 -2.78 -10.69 -13.01
N THR D 91 -2.68 -9.77 -12.07
CA THR D 91 -1.42 -9.18 -11.70
C THR D 91 -0.62 -10.14 -10.84
N ALA D 92 0.61 -10.42 -11.23
CA ALA D 92 1.39 -11.41 -10.53
C ALA D 92 2.72 -11.56 -11.18
N VAL D 93 3.61 -12.35 -10.60
CA VAL D 93 4.91 -12.64 -11.21
C VAL D 93 4.72 -13.94 -12.00
N TYR D 94 5.06 -13.90 -13.29
CA TYR D 94 4.86 -15.02 -14.20
C TYR D 94 6.13 -15.80 -14.37
N TYR D 95 6.07 -17.09 -14.02
CA TYR D 95 7.20 -18.02 -14.09
C TYR D 95 7.07 -19.00 -15.22
N CYS D 96 8.23 -19.41 -15.71
CA CYS D 96 8.44 -20.38 -16.75
C CYS D 96 9.06 -21.60 -16.06
N ALA D 97 8.64 -22.81 -16.43
CA ALA D 97 9.15 -24.04 -15.82
C ALA D 97 9.33 -25.16 -16.84
N ALA D 98 10.16 -26.17 -16.54
CA ALA D 98 10.42 -27.28 -17.46
C ALA D 98 10.36 -28.67 -16.82
N THR D 99 9.81 -29.65 -17.59
CA THR D 99 9.71 -31.07 -17.24
C THR D 99 9.65 -31.95 -18.45
N LEU D 100 10.02 -33.21 -18.24
CA LEU D 100 9.97 -34.29 -19.20
C LEU D 100 8.48 -34.68 -19.44
N ASP D 101 7.62 -34.43 -18.43
CA ASP D 101 6.23 -34.85 -18.42
C ASP D 101 5.09 -33.91 -18.84
N TRP D 102 4.11 -34.53 -19.50
CA TRP D 102 2.84 -33.97 -19.92
C TRP D 102 1.83 -34.72 -19.02
N GLY D 103 0.80 -34.08 -18.47
CA GLY D 103 0.46 -32.69 -18.46
C GLY D 103 0.39 -32.37 -16.98
N LYS D 104 1.48 -31.83 -16.48
CA LYS D 104 1.67 -31.51 -15.08
C LYS D 104 1.22 -30.07 -14.81
N THR D 105 0.52 -29.86 -13.69
CA THR D 105 -0.03 -28.56 -13.31
C THR D 105 0.45 -28.08 -11.93
N LEU D 106 1.17 -28.96 -11.20
CA LEU D 106 1.68 -28.61 -9.89
C LEU D 106 3.11 -28.11 -9.99
N SER D 107 3.43 -27.09 -9.16
CA SER D 107 4.75 -26.47 -9.03
C SER D 107 5.78 -27.53 -8.69
N ASP D 108 5.37 -28.50 -7.85
CA ASP D 108 6.12 -29.65 -7.33
C ASP D 108 6.52 -30.65 -8.43
N GLU D 109 5.77 -30.67 -9.54
CA GLU D 109 5.98 -31.57 -10.66
C GLU D 109 6.98 -31.03 -11.70
N TYR D 110 7.44 -29.78 -11.53
CA TYR D 110 8.40 -29.13 -12.43
C TYR D 110 9.79 -29.06 -11.83
N ASP D 111 10.82 -29.44 -12.62
CA ASP D 111 12.22 -29.54 -12.18
C ASP D 111 13.03 -28.26 -12.29
N TYR D 112 12.95 -27.58 -13.44
CA TYR D 112 13.74 -26.36 -13.67
C TYR D 112 12.87 -25.12 -13.71
N TRP D 113 13.31 -24.04 -13.07
CA TRP D 113 12.55 -22.80 -12.98
C TRP D 113 13.32 -21.55 -13.43
N GLY D 114 12.54 -20.56 -13.85
CA GLY D 114 13.05 -19.26 -14.26
C GLY D 114 12.85 -18.23 -13.17
N GLN D 115 13.62 -17.13 -13.23
CA GLN D 115 13.60 -16.01 -12.28
C GLN D 115 12.21 -15.37 -12.14
N GLY D 116 11.47 -15.36 -13.24
CA GLY D 116 10.14 -14.76 -13.30
C GLY D 116 10.15 -13.40 -13.96
N THR D 117 8.95 -12.83 -14.17
CA THR D 117 8.72 -11.54 -14.78
C THR D 117 7.42 -10.97 -14.24
N GLN D 118 7.47 -9.73 -13.73
CA GLN D 118 6.27 -9.12 -13.16
C GLN D 118 5.35 -8.58 -14.24
N VAL D 119 4.05 -8.81 -14.05
CA VAL D 119 3.00 -8.35 -14.92
C VAL D 119 2.03 -7.56 -14.05
N THR D 120 1.89 -6.27 -14.34
CA THR D 120 1.00 -5.35 -13.65
C THR D 120 -0.10 -4.87 -14.56
N VAL D 121 -1.34 -4.85 -14.04
CA VAL D 121 -2.53 -4.53 -14.80
C VAL D 121 -3.38 -3.39 -14.22
N SER D 122 -3.32 -2.18 -14.82
CA SER D 122 -4.12 -0.99 -14.48
C SER D 122 -3.58 -0.19 -13.29
N VAL E 2 -16.22 24.36 30.32
CA VAL E 2 -16.81 25.44 29.52
C VAL E 2 -18.34 25.25 29.39
N GLN E 3 -19.11 26.25 29.84
CA GLN E 3 -20.57 26.27 29.77
C GLN E 3 -21.01 27.10 28.56
N LEU E 4 -21.93 26.55 27.75
CA LEU E 4 -22.44 27.15 26.51
C LEU E 4 -23.98 27.21 26.43
N VAL E 5 -24.55 28.41 26.21
CA VAL E 5 -26.01 28.63 26.13
C VAL E 5 -26.35 29.44 24.88
N GLU E 6 -27.12 28.86 23.96
CA GLU E 6 -27.54 29.51 22.73
C GLU E 6 -28.82 30.30 22.98
N SER E 7 -28.91 31.48 22.37
CA SER E 7 -30.04 32.40 22.40
C SER E 7 -30.32 32.84 20.97
N GLY E 8 -31.49 33.42 20.75
CA GLY E 8 -31.94 33.82 19.42
C GLY E 8 -32.53 32.60 18.75
N GLY E 9 -32.90 32.74 17.49
CA GLY E 9 -33.50 31.61 16.78
C GLY E 9 -34.99 31.47 17.01
N GLY E 10 -35.70 31.06 15.98
CA GLY E 10 -37.14 30.85 15.97
C GLY E 10 -37.65 30.68 14.56
N LEU E 11 -38.79 31.33 14.25
CA LEU E 11 -39.35 31.28 12.90
C LEU E 11 -39.10 32.55 12.14
N VAL E 12 -38.72 32.40 10.86
CA VAL E 12 -38.42 33.48 9.93
C VAL E 12 -38.74 33.00 8.48
N GLN E 13 -38.72 33.90 7.49
CA GLN E 13 -39.02 33.55 6.11
C GLN E 13 -37.80 33.46 5.19
N ALA E 14 -37.98 32.96 3.96
CA ALA E 14 -36.93 32.83 2.94
C ALA E 14 -36.36 34.21 2.58
N GLY E 15 -35.03 34.32 2.62
CA GLY E 15 -34.29 35.54 2.33
C GLY E 15 -34.03 36.42 3.55
N ASP E 16 -34.68 36.08 4.69
CA ASP E 16 -34.53 36.84 5.94
C ASP E 16 -33.21 36.57 6.66
N SER E 17 -32.95 37.33 7.72
CA SER E 17 -31.72 37.20 8.50
C SER E 17 -32.00 36.91 9.96
N LEU E 18 -31.07 36.20 10.60
CA LEU E 18 -31.20 35.85 12.00
C LEU E 18 -29.84 35.85 12.69
N ARG E 19 -29.78 36.44 13.89
CA ARG E 19 -28.58 36.54 14.69
C ARG E 19 -28.72 35.61 15.91
N LEU E 20 -27.80 34.63 16.02
CA LEU E 20 -27.78 33.69 17.13
C LEU E 20 -26.71 34.12 18.08
N SER E 21 -26.91 33.89 19.38
CA SER E 21 -25.95 34.26 20.42
C SER E 21 -25.57 33.08 21.26
N CYS E 22 -24.31 33.02 21.66
CA CYS E 22 -23.79 31.96 22.51
C CYS E 22 -23.19 32.64 23.72
N ALA E 23 -23.76 32.40 24.90
CA ALA E 23 -23.21 32.94 26.14
C ALA E 23 -22.20 31.90 26.63
N VAL E 24 -20.94 32.32 26.77
CA VAL E 24 -19.85 31.44 27.17
C VAL E 24 -19.40 31.75 28.59
N SER E 25 -19.15 30.69 29.41
CA SER E 25 -18.68 30.79 30.80
C SER E 25 -17.61 29.74 31.05
N GLY E 26 -16.64 30.07 31.90
CA GLY E 26 -15.50 29.20 32.20
C GLY E 26 -14.18 29.84 31.83
N ARG E 27 -13.51 29.31 30.76
CA ARG E 27 -12.21 29.79 30.25
C ARG E 27 -11.95 29.23 28.84
N SER E 31 -7.51 30.04 26.10
CA SER E 31 -8.82 30.34 25.53
C SER E 31 -9.04 29.39 24.40
N ASN E 32 -10.30 29.18 24.08
CA ASN E 32 -10.69 28.18 23.13
C ASN E 32 -11.12 28.86 21.85
N VAL E 33 -11.57 28.07 20.91
CA VAL E 33 -12.20 28.59 19.74
C VAL E 33 -13.64 28.15 19.89
N ILE E 34 -14.56 28.94 19.35
CA ILE E 34 -15.99 28.67 19.44
C ILE E 34 -16.53 28.33 18.08
N GLY E 35 -17.01 27.09 17.97
CA GLY E 35 -17.54 26.53 16.73
C GLY E 35 -19.05 26.60 16.68
N TRP E 36 -19.58 26.59 15.47
CA TRP E 36 -21.01 26.62 15.17
C TRP E 36 -21.37 25.46 14.27
N PHE E 37 -22.33 24.65 14.72
CA PHE E 37 -22.80 23.46 14.01
C PHE E 37 -24.32 23.49 13.86
N ARG E 38 -24.83 22.78 12.84
CA ARG E 38 -26.27 22.67 12.58
C ARG E 38 -26.68 21.26 12.21
N GLN E 39 -27.80 20.79 12.78
CA GLN E 39 -28.33 19.46 12.45
C GLN E 39 -29.82 19.44 12.21
N ALA E 40 -30.20 19.12 10.96
CA ALA E 40 -31.59 18.99 10.57
C ALA E 40 -32.04 17.57 10.93
N PRO E 41 -33.29 17.35 11.41
CA PRO E 41 -33.71 15.97 11.73
C PRO E 41 -33.60 15.07 10.49
N GLY E 42 -33.01 13.90 10.71
CA GLY E 42 -32.78 12.93 9.64
C GLY E 42 -31.74 13.39 8.64
N LYS E 43 -30.78 14.23 9.09
CA LYS E 43 -29.73 14.75 8.23
C LYS E 43 -28.40 14.82 8.97
N GLU E 44 -27.29 14.84 8.19
CA GLU E 44 -25.91 14.91 8.69
C GLU E 44 -25.63 16.22 9.37
N ARG E 45 -24.98 16.18 10.55
CA ARG E 45 -24.57 17.36 11.29
C ARG E 45 -23.51 18.10 10.47
N GLU E 46 -23.68 19.41 10.33
CA GLU E 46 -22.76 20.21 9.52
C GLU E 46 -22.08 21.27 10.34
N PHE E 47 -20.83 21.56 9.96
CA PHE E 47 -20.04 22.63 10.53
C PHE E 47 -20.48 23.91 9.83
N VAL E 48 -20.67 24.99 10.58
CA VAL E 48 -21.09 26.25 9.96
C VAL E 48 -19.94 27.26 9.99
N ALA E 49 -19.39 27.53 11.19
CA ALA E 49 -18.35 28.54 11.40
C ALA E 49 -17.62 28.34 12.69
N ALA E 50 -16.43 28.91 12.76
CA ALA E 50 -15.63 28.88 13.98
C ALA E 50 -14.99 30.25 14.17
N ILE E 51 -14.65 30.57 15.43
CA ILE E 51 -13.96 31.81 15.79
C ILE E 51 -13.01 31.58 16.97
N SER E 52 -11.79 32.12 16.88
CA SER E 52 -10.82 32.02 17.95
C SER E 52 -11.09 33.15 18.97
N TRP E 53 -11.33 32.79 20.22
CA TRP E 53 -11.59 33.78 21.27
C TRP E 53 -10.39 34.72 21.52
N SER E 54 -9.17 34.21 21.45
CA SER E 54 -7.98 35.00 21.73
C SER E 54 -7.56 35.91 20.57
N THR E 55 -7.67 35.42 19.31
CA THR E 55 -7.32 36.20 18.11
C THR E 55 -8.44 36.94 17.40
N GLY E 56 -9.61 36.30 17.24
CA GLY E 56 -10.77 36.86 16.52
C GLY E 56 -10.91 36.35 15.09
N SER E 57 -9.99 35.44 14.68
CA SER E 57 -9.95 34.83 13.34
C SER E 57 -11.17 33.99 13.14
N THR E 58 -11.69 34.01 11.94
CA THR E 58 -12.90 33.29 11.60
C THR E 58 -12.60 32.28 10.49
N TYR E 59 -13.45 31.27 10.40
CA TYR E 59 -13.40 30.24 9.39
C TYR E 59 -14.83 29.78 9.15
N TYR E 60 -15.19 29.64 7.87
CA TYR E 60 -16.54 29.28 7.49
C TYR E 60 -16.54 28.03 6.68
N GLY E 61 -17.35 27.09 7.10
CA GLY E 61 -17.54 25.80 6.43
C GLY E 61 -18.32 25.91 5.13
N ARG E 62 -18.43 24.77 4.43
CA ARG E 62 -19.13 24.60 3.15
C ARG E 62 -20.64 24.90 3.23
N SER E 63 -21.30 24.52 4.34
CA SER E 63 -22.74 24.68 4.55
C SER E 63 -23.35 26.07 4.26
N MET E 64 -22.76 27.16 4.82
CA MET E 64 -23.30 28.50 4.65
C MET E 64 -22.24 29.53 4.22
N LYS E 65 -21.48 29.23 3.14
CA LYS E 65 -20.43 30.13 2.64
C LYS E 65 -21.03 31.31 1.92
N GLY E 66 -20.55 32.50 2.26
CA GLY E 66 -21.00 33.80 1.74
C GLY E 66 -22.34 34.22 2.33
N ARG E 67 -22.80 33.44 3.33
CA ARG E 67 -24.12 33.57 3.97
C ARG E 67 -24.13 33.52 5.52
N CYS E 68 -22.96 33.52 6.16
CA CYS E 68 -22.88 33.60 7.63
C CYS E 68 -21.65 34.39 8.12
N ALA E 69 -21.71 34.96 9.32
CA ALA E 69 -20.57 35.70 9.91
C ALA E 69 -20.53 35.48 11.40
N ALA E 70 -19.36 35.15 11.93
CA ALA E 70 -19.20 34.95 13.38
C ALA E 70 -18.46 36.14 13.95
N SER E 71 -18.70 36.41 15.22
CA SER E 71 -18.14 37.55 15.95
C SER E 71 -18.06 37.26 17.43
N ARG E 72 -17.23 37.99 18.14
CA ARG E 72 -17.01 37.72 19.53
C ARG E 72 -16.88 39.02 20.34
N ASP E 73 -17.53 39.10 21.49
CA ASP E 73 -17.53 40.27 22.35
C ASP E 73 -17.23 39.90 23.79
N ASN E 74 -16.23 40.49 24.43
CA ASN E 74 -15.83 40.01 25.77
C ASN E 74 -15.50 41.00 26.89
N ALA E 75 -16.36 41.29 27.88
CA ALA E 75 -17.72 40.82 28.08
C ALA E 75 -18.32 41.67 27.09
N LYS E 76 -19.53 41.40 26.63
CA LYS E 76 -20.53 40.43 27.06
C LYS E 76 -20.17 38.95 27.26
N ASN E 77 -18.97 38.49 26.81
CA ASN E 77 -18.55 37.09 26.84
C ASN E 77 -19.59 36.30 26.03
N THR E 78 -19.82 36.76 24.81
CA THR E 78 -20.81 36.27 23.85
C THR E 78 -20.15 36.08 22.49
N VAL E 79 -20.63 35.08 21.73
CA VAL E 79 -20.22 34.77 20.36
C VAL E 79 -21.49 34.85 19.53
N ALA E 80 -21.49 35.69 18.51
CA ALA E 80 -22.66 35.85 17.67
C ALA E 80 -22.49 35.19 16.33
N LEU E 81 -23.55 34.50 15.86
CA LEU E 81 -23.54 33.91 14.53
C LEU E 81 -24.68 34.57 13.76
N GLN E 82 -24.32 35.24 12.67
CA GLN E 82 -25.23 35.98 11.82
C GLN E 82 -25.45 35.21 10.53
N LEU E 83 -26.73 34.89 10.23
CA LEU E 83 -27.12 34.17 9.01
C LEU E 83 -27.95 35.08 8.14
N ASN E 84 -27.66 35.06 6.84
CA ASN E 84 -28.34 35.90 5.85
C ASN E 84 -28.81 35.04 4.70
N SER E 85 -29.73 35.59 3.85
CA SER E 85 -30.27 34.92 2.66
C SER E 85 -30.80 33.50 3.02
N LEU E 86 -31.38 33.39 4.25
CA LEU E 86 -31.94 32.17 4.86
C LEU E 86 -32.94 31.49 3.95
N LYS E 87 -32.84 30.17 3.84
CA LYS E 87 -33.72 29.36 3.01
C LYS E 87 -34.22 28.14 3.79
N PRO E 88 -35.47 27.63 3.55
CA PRO E 88 -35.91 26.42 4.27
C PRO E 88 -35.13 25.24 3.72
N GLU E 89 -34.01 24.99 4.39
CA GLU E 89 -32.95 24.02 4.13
C GLU E 89 -31.96 24.30 5.24
N ASP E 90 -31.88 25.60 5.64
CA ASP E 90 -31.08 26.08 6.76
C ASP E 90 -31.86 25.82 8.03
N THR E 91 -33.04 25.19 7.89
CA THR E 91 -33.92 24.77 8.97
C THR E 91 -33.21 23.61 9.67
N ALA E 92 -32.86 23.82 10.94
CA ALA E 92 -32.12 22.88 11.77
C ALA E 92 -31.99 23.47 13.16
N VAL E 93 -31.41 22.68 14.08
CA VAL E 93 -31.09 23.15 15.43
C VAL E 93 -29.61 23.59 15.36
N TYR E 94 -29.34 24.82 15.78
CA TYR E 94 -28.01 25.41 15.71
C TYR E 94 -27.29 25.30 17.04
N TYR E 95 -26.13 24.61 17.02
CA TYR E 95 -25.31 24.38 18.20
C TYR E 95 -24.03 25.21 18.19
N CYS E 96 -23.59 25.50 19.41
CA CYS E 96 -22.39 26.23 19.74
C CYS E 96 -21.47 25.21 20.39
N ALA E 97 -20.18 25.24 20.07
CA ALA E 97 -19.20 24.28 20.60
C ALA E 97 -17.85 24.93 20.94
N ALA E 98 -17.03 24.31 21.81
CA ALA E 98 -15.72 24.85 22.18
C ALA E 98 -14.57 23.82 22.13
N THR E 99 -13.37 24.27 21.72
CA THR E 99 -12.09 23.53 21.70
C THR E 99 -10.90 24.42 21.76
N LEU E 100 -9.77 23.84 22.21
CA LEU E 100 -8.47 24.51 22.29
C LEU E 100 -7.93 24.72 20.85
N ASP E 101 -8.35 23.87 19.91
CA ASP E 101 -7.84 23.82 18.55
C ASP E 101 -8.52 24.54 17.40
N TRP E 102 -7.67 25.07 16.53
CA TRP E 102 -7.96 25.69 15.25
C TRP E 102 -7.45 24.65 14.21
N GLY E 103 -8.14 24.39 13.11
CA GLY E 103 -9.46 24.82 12.71
C GLY E 103 -10.17 23.51 12.49
N LYS E 104 -10.90 23.09 13.52
CA LYS E 104 -11.61 21.83 13.57
C LYS E 104 -13.00 22.02 13.01
N THR E 105 -13.46 21.05 12.21
CA THR E 105 -14.76 21.09 11.55
C THR E 105 -15.64 19.89 11.88
N LEU E 106 -15.09 18.89 12.60
CA LEU E 106 -15.83 17.70 12.99
C LEU E 106 -16.41 17.86 14.37
N SER E 107 -17.63 17.34 14.58
CA SER E 107 -18.37 17.33 15.86
C SER E 107 -17.54 16.64 16.93
N ASP E 108 -16.81 15.58 16.51
CA ASP E 108 -15.93 14.70 17.29
C ASP E 108 -14.71 15.43 17.82
N GLU E 109 -14.32 16.54 17.16
CA GLU E 109 -13.16 17.33 17.53
C GLU E 109 -13.47 18.42 18.57
N TYR E 110 -14.75 18.60 18.94
CA TYR E 110 -15.20 19.60 19.92
C TYR E 110 -15.53 18.95 21.27
N ASP E 111 -15.06 19.55 22.36
CA ASP E 111 -15.20 19.04 23.73
C ASP E 111 -16.46 19.49 24.48
N TYR E 112 -16.77 20.79 24.43
CA TYR E 112 -17.93 21.32 25.15
C TYR E 112 -19.04 21.76 24.22
N TRP E 113 -20.29 21.45 24.56
CA TRP E 113 -21.44 21.75 23.71
C TRP E 113 -22.55 22.50 24.42
N GLY E 114 -23.34 23.20 23.61
CA GLY E 114 -24.51 23.93 24.07
C GLY E 114 -25.78 23.15 23.77
N GLN E 115 -26.88 23.48 24.46
CA GLN E 115 -28.20 22.84 24.32
C GLN E 115 -28.75 22.94 22.90
N GLY E 116 -28.44 24.06 22.25
CA GLY E 116 -28.88 24.36 20.89
C GLY E 116 -30.02 25.35 20.87
N THR E 117 -30.41 25.76 19.65
CA THR E 117 -31.50 26.70 19.39
C THR E 117 -32.09 26.38 18.02
N GLN E 118 -33.43 26.21 17.97
CA GLN E 118 -34.09 25.87 16.71
C GLN E 118 -34.28 27.07 15.83
N VAL E 119 -34.03 26.88 14.53
CA VAL E 119 -34.17 27.90 13.51
C VAL E 119 -35.06 27.30 12.42
N THR E 120 -36.27 27.87 12.28
CA THR E 120 -37.23 27.42 11.29
C THR E 120 -37.37 28.48 10.22
N VAL E 121 -37.10 28.10 8.95
CA VAL E 121 -37.20 28.99 7.79
C VAL E 121 -38.37 28.48 6.92
N SER E 122 -39.24 29.38 6.44
CA SER E 122 -40.38 29.01 5.60
C SER E 122 -40.33 29.69 4.25
N VAL F 2 18.85 31.51 -12.56
CA VAL F 2 19.55 30.52 -13.37
C VAL F 2 19.11 30.55 -14.84
N GLN F 3 20.07 30.80 -15.74
CA GLN F 3 19.86 30.83 -17.20
C GLN F 3 20.27 29.46 -17.79
N LEU F 4 19.40 28.91 -18.67
CA LEU F 4 19.59 27.61 -19.29
C LEU F 4 19.39 27.61 -20.79
N VAL F 5 20.40 27.10 -21.55
CA VAL F 5 20.36 26.99 -23.02
C VAL F 5 20.77 25.59 -23.46
N GLU F 6 19.87 24.90 -24.20
CA GLU F 6 20.08 23.56 -24.74
C GLU F 6 20.80 23.60 -26.08
N SER F 7 21.90 22.83 -26.21
CA SER F 7 22.69 22.68 -27.43
C SER F 7 22.71 21.21 -27.83
N GLY F 8 23.05 20.95 -29.09
CA GLY F 8 23.04 19.62 -29.67
C GLY F 8 21.63 19.32 -30.12
N GLY F 9 21.39 18.10 -30.55
CA GLY F 9 20.05 17.73 -31.00
C GLY F 9 19.81 18.07 -32.45
N GLY F 10 19.18 17.12 -33.12
CA GLY F 10 18.80 17.18 -34.52
C GLY F 10 18.17 15.88 -34.96
N LEU F 11 18.26 15.59 -36.27
CA LEU F 11 17.74 14.35 -36.80
C LEU F 11 18.82 13.28 -36.81
N VAL F 12 18.42 12.04 -36.47
CA VAL F 12 19.27 10.86 -36.41
C VAL F 12 18.42 9.59 -36.68
N GLN F 13 19.04 8.41 -36.82
CA GLN F 13 18.30 7.16 -37.10
C GLN F 13 18.18 6.22 -35.90
N ALA F 14 17.36 5.16 -36.03
CA ALA F 14 17.15 4.16 -34.98
C ALA F 14 18.45 3.42 -34.64
N GLY F 15 18.76 3.37 -33.34
CA GLY F 15 19.97 2.76 -32.81
C GLY F 15 21.14 3.71 -32.67
N ASP F 16 21.03 4.92 -33.25
CA ASP F 16 22.08 5.93 -33.20
C ASP F 16 22.21 6.63 -31.84
N SER F 17 23.21 7.48 -31.70
CA SER F 17 23.48 8.19 -30.47
C SER F 17 23.52 9.69 -30.68
N LEU F 18 23.15 10.44 -29.63
CA LEU F 18 23.15 11.88 -29.64
C LEU F 18 23.52 12.45 -28.28
N ARG F 19 24.42 13.43 -28.26
CA ARG F 19 24.85 14.09 -27.03
C ARG F 19 24.28 15.51 -26.96
N LEU F 20 23.55 15.79 -25.87
CA LEU F 20 22.95 17.09 -25.62
C LEU F 20 23.76 17.85 -24.60
N SER F 21 23.57 19.18 -24.51
CA SER F 21 24.39 19.98 -23.61
C SER F 21 23.65 21.12 -22.96
N CYS F 22 23.76 21.21 -21.65
CA CYS F 22 23.13 22.29 -20.95
C CYS F 22 24.12 23.30 -20.45
N ALA F 23 24.14 24.43 -21.16
CA ALA F 23 24.94 25.60 -20.85
C ALA F 23 24.18 26.36 -19.75
N VAL F 24 24.74 26.29 -18.53
CA VAL F 24 24.17 26.87 -17.31
C VAL F 24 24.92 28.13 -16.91
N SER F 25 24.16 29.19 -16.53
CA SER F 25 24.70 30.49 -16.05
C SER F 25 23.83 30.96 -14.87
N GLY F 26 24.22 32.04 -14.20
CA GLY F 26 23.43 32.58 -13.10
C GLY F 26 23.48 31.71 -11.85
N SER F 31 20.68 26.92 -7.69
CA SER F 31 20.51 25.58 -8.22
C SER F 31 21.68 24.67 -7.84
N ASN F 32 21.37 23.39 -7.70
CA ASN F 32 22.35 22.38 -7.38
C ASN F 32 22.13 21.23 -8.33
N VAL F 33 20.85 20.91 -8.62
CA VAL F 33 20.48 19.79 -9.46
C VAL F 33 19.99 20.29 -10.80
N ILE F 34 20.53 19.70 -11.87
CA ILE F 34 20.13 19.99 -13.23
C ILE F 34 19.35 18.80 -13.76
N GLY F 35 18.08 19.03 -14.04
CA GLY F 35 17.16 18.02 -14.54
C GLY F 35 17.01 18.03 -16.04
N TRP F 36 16.62 16.90 -16.60
CA TRP F 36 16.41 16.70 -18.01
C TRP F 36 15.02 16.14 -18.23
N PHE F 37 14.23 16.83 -19.05
CA PHE F 37 12.85 16.47 -19.38
C PHE F 37 12.65 16.39 -20.88
N ARG F 38 11.66 15.61 -21.32
CA ARG F 38 11.31 15.47 -22.72
C ARG F 38 9.79 15.50 -22.94
N GLN F 39 9.34 16.21 -23.97
CA GLN F 39 7.92 16.26 -24.31
C GLN F 39 7.65 16.10 -25.79
N ALA F 40 6.99 14.97 -26.13
CA ALA F 40 6.59 14.68 -27.50
C ALA F 40 5.26 15.41 -27.75
N PRO F 41 5.03 16.01 -28.95
CA PRO F 41 3.74 16.69 -29.17
C PRO F 41 2.57 15.72 -28.98
N GLY F 42 1.58 16.19 -28.23
CA GLY F 42 0.41 15.41 -27.89
C GLY F 42 0.71 14.27 -26.93
N LYS F 43 1.75 14.43 -26.10
CA LYS F 43 2.16 13.41 -25.14
C LYS F 43 2.57 14.04 -23.81
N GLU F 44 2.52 13.24 -22.73
CA GLU F 44 2.88 13.64 -21.37
C GLU F 44 4.37 13.95 -21.25
N ARG F 45 4.71 15.06 -20.58
CA ARG F 45 6.09 15.44 -20.33
C ARG F 45 6.73 14.39 -19.41
N GLU F 46 7.93 13.94 -19.77
CA GLU F 46 8.61 12.91 -19.01
C GLU F 46 9.93 13.40 -18.46
N PHE F 47 10.27 12.90 -17.26
CA PHE F 47 11.55 13.15 -16.63
C PHE F 47 12.53 12.17 -17.29
N VAL F 48 13.74 12.64 -17.60
CA VAL F 48 14.74 11.75 -18.20
C VAL F 48 15.86 11.46 -17.20
N ALA F 49 16.51 12.51 -16.69
CA ALA F 49 17.67 12.38 -15.81
C ALA F 49 17.93 13.64 -14.99
N ALA F 50 18.66 13.47 -13.87
CA ALA F 50 19.07 14.54 -12.96
C ALA F 50 20.51 14.35 -12.56
N ILE F 51 21.23 15.47 -12.42
CA ILE F 51 22.66 15.51 -12.09
C ILE F 51 22.92 16.61 -11.08
N SER F 52 23.68 16.31 -10.02
CA SER F 52 24.04 17.30 -9.01
C SER F 52 25.32 18.01 -9.49
N TRP F 53 25.33 19.35 -9.48
CA TRP F 53 26.49 20.16 -9.90
C TRP F 53 27.58 20.09 -8.81
N SER F 54 27.20 20.29 -7.52
CA SER F 54 28.04 20.23 -6.32
C SER F 54 28.78 18.86 -6.30
N THR F 55 28.04 17.76 -6.07
CA THR F 55 28.50 16.36 -6.11
C THR F 55 28.33 15.95 -7.58
N GLY F 56 28.59 14.72 -7.96
CA GLY F 56 28.36 14.33 -9.35
C GLY F 56 27.23 13.32 -9.48
N SER F 57 26.42 13.20 -8.41
CA SER F 57 25.33 12.25 -8.28
C SER F 57 24.32 12.34 -9.40
N THR F 58 23.96 11.18 -9.94
CA THR F 58 23.00 11.09 -11.04
C THR F 58 21.78 10.26 -10.66
N TYR F 59 20.69 10.47 -11.38
CA TYR F 59 19.46 9.72 -11.22
C TYR F 59 18.76 9.69 -12.56
N TYR F 60 18.24 8.52 -12.93
CA TYR F 60 17.61 8.33 -14.22
C TYR F 60 16.19 7.88 -14.08
N GLY F 61 15.31 8.55 -14.80
CA GLY F 61 13.90 8.24 -14.82
C GLY F 61 13.59 6.97 -15.60
N ARG F 62 12.31 6.62 -15.63
CA ARG F 62 11.73 5.45 -16.29
C ARG F 62 11.90 5.52 -17.80
N SER F 63 11.67 6.71 -18.38
CA SER F 63 11.72 6.97 -19.81
C SER F 63 12.93 6.41 -20.59
N MET F 64 14.17 6.68 -20.14
CA MET F 64 15.36 6.22 -20.86
C MET F 64 16.41 5.51 -19.98
N LYS F 65 15.97 4.52 -19.18
CA LYS F 65 16.86 3.76 -18.29
C LYS F 65 17.74 2.80 -19.09
N GLY F 66 19.03 2.78 -18.78
CA GLY F 66 20.01 1.93 -19.45
C GLY F 66 20.43 2.40 -20.82
N ARG F 67 19.80 3.47 -21.34
CA ARG F 67 20.13 4.03 -22.65
C ARG F 67 20.39 5.53 -22.64
N CYS F 68 20.73 6.05 -21.46
CA CYS F 68 21.08 7.45 -21.30
C CYS F 68 22.00 7.63 -20.10
N ALA F 69 22.83 8.67 -20.16
CA ALA F 69 23.80 8.99 -19.13
C ALA F 69 24.04 10.48 -19.07
N ALA F 70 23.96 11.05 -17.86
CA ALA F 70 24.21 12.48 -17.64
C ALA F 70 25.59 12.67 -17.08
N SER F 71 26.23 13.78 -17.45
CA SER F 71 27.57 14.12 -16.99
C SER F 71 27.72 15.60 -16.70
N ARG F 72 28.84 15.92 -16.06
CA ARG F 72 29.27 17.23 -15.60
C ARG F 72 30.53 17.70 -16.31
N ASP F 73 30.56 18.99 -16.64
CA ASP F 73 31.73 19.63 -17.23
C ASP F 73 31.87 21.02 -16.62
N LYS F 76 33.61 25.49 -18.93
CA LYS F 76 32.42 24.81 -19.42
C LYS F 76 31.40 24.60 -18.30
N ASN F 77 30.48 25.55 -18.12
CA ASN F 77 29.40 25.43 -17.14
C ASN F 77 28.33 24.60 -17.87
N THR F 78 28.71 23.35 -18.23
CA THR F 78 27.93 22.44 -19.05
C THR F 78 27.55 21.13 -18.36
N VAL F 79 26.31 20.69 -18.63
CA VAL F 79 25.72 19.43 -18.21
C VAL F 79 25.40 18.68 -19.51
N ALA F 80 25.93 17.48 -19.68
CA ALA F 80 25.67 16.75 -20.91
C ALA F 80 24.72 15.59 -20.72
N LEU F 81 23.91 15.32 -21.73
CA LEU F 81 23.00 14.18 -21.69
C LEU F 81 23.25 13.28 -22.88
N GLN F 82 23.93 12.16 -22.64
CA GLN F 82 24.25 11.18 -23.66
C GLN F 82 23.03 10.30 -23.86
N LEU F 83 22.65 10.08 -25.12
CA LEU F 83 21.50 9.26 -25.45
C LEU F 83 21.93 8.20 -26.42
N ASN F 84 21.61 6.93 -26.13
CA ASN F 84 22.05 5.80 -26.94
C ASN F 84 20.89 4.91 -27.28
N SER F 85 21.06 4.02 -28.27
CA SER F 85 20.04 3.05 -28.73
C SER F 85 18.69 3.78 -29.02
N LEU F 86 18.81 5.02 -29.55
CA LEU F 86 17.73 5.94 -29.92
C LEU F 86 16.71 5.27 -30.81
N LYS F 87 15.42 5.48 -30.50
CA LYS F 87 14.31 4.93 -31.28
C LYS F 87 13.28 6.03 -31.59
N PRO F 88 12.58 6.01 -32.75
CA PRO F 88 11.56 7.05 -33.02
C PRO F 88 10.37 6.78 -32.10
N GLU F 89 10.45 7.40 -30.92
CA GLU F 89 9.61 7.33 -29.73
C GLU F 89 10.29 8.26 -28.76
N ASP F 90 11.64 8.32 -28.87
CA ASP F 90 12.51 9.23 -28.12
C ASP F 90 12.47 10.59 -28.82
N THR F 91 11.65 10.67 -29.89
CA THR F 91 11.40 11.88 -30.67
C THR F 91 10.57 12.79 -29.78
N ALA F 92 11.15 13.95 -29.42
CA ALA F 92 10.56 14.94 -28.55
C ALA F 92 11.48 16.13 -28.46
N VAL F 93 11.04 17.18 -27.77
CA VAL F 93 11.87 18.36 -27.49
C VAL F 93 12.45 18.11 -26.09
N TYR F 94 13.78 18.19 -25.97
CA TYR F 94 14.48 17.92 -24.73
C TYR F 94 14.81 19.19 -23.96
N TYR F 95 14.30 19.27 -22.73
CA TYR F 95 14.46 20.42 -21.86
C TYR F 95 15.42 20.16 -20.72
N CYS F 96 16.06 21.23 -20.30
CA CYS F 96 16.99 21.31 -19.22
C CYS F 96 16.33 22.14 -18.13
N ALA F 97 16.45 21.73 -16.86
CA ALA F 97 15.81 22.43 -15.74
C ALA F 97 16.70 22.49 -14.51
N ALA F 98 16.43 23.45 -13.60
CA ALA F 98 17.23 23.60 -12.38
C ALA F 98 16.42 23.75 -11.09
N THR F 99 16.94 23.15 -10.00
CA THR F 99 16.42 23.22 -8.63
C THR F 99 17.49 22.99 -7.60
N LEU F 100 17.22 23.47 -6.39
CA LEU F 100 18.03 23.30 -5.20
C LEU F 100 17.88 21.84 -4.73
N ASP F 101 16.74 21.19 -5.05
CA ASP F 101 16.37 19.86 -4.59
C ASP F 101 16.67 18.60 -5.39
N TRP F 102 17.02 17.57 -4.65
CA TRP F 102 17.24 16.20 -5.07
C TRP F 102 16.06 15.43 -4.41
N GLY F 103 15.41 14.49 -5.08
CA GLY F 103 15.54 14.08 -6.46
C GLY F 103 14.14 14.24 -7.00
N LYS F 104 13.92 15.38 -7.61
CA LYS F 104 12.62 15.79 -8.13
C LYS F 104 12.46 15.29 -9.55
N THR F 105 11.27 14.80 -9.87
CA THR F 105 10.98 14.23 -11.20
C THR F 105 9.80 14.94 -11.89
N LEU F 106 9.11 15.84 -11.15
CA LEU F 106 7.97 16.58 -11.70
C LEU F 106 8.40 17.92 -12.26
N SER F 107 7.81 18.30 -13.39
CA SER F 107 8.03 19.58 -14.09
C SER F 107 7.76 20.75 -13.13
N ASP F 108 6.73 20.57 -12.28
CA ASP F 108 6.24 21.50 -11.27
C ASP F 108 7.24 21.76 -10.15
N GLU F 109 8.16 20.81 -9.91
CA GLU F 109 9.18 20.87 -8.87
C GLU F 109 10.46 21.60 -9.30
N TYR F 110 10.55 21.98 -10.60
CA TYR F 110 11.71 22.70 -11.15
C TYR F 110 11.40 24.19 -11.34
N ASP F 111 12.32 25.06 -10.89
CA ASP F 111 12.17 26.53 -10.91
C ASP F 111 12.61 27.22 -12.21
N TYR F 112 13.79 26.87 -12.73
CA TYR F 112 14.32 27.50 -13.94
C TYR F 112 14.34 26.55 -15.11
N TRP F 113 13.95 27.04 -16.30
CA TRP F 113 13.86 26.22 -17.51
C TRP F 113 14.60 26.78 -18.72
N GLY F 114 14.94 25.87 -19.62
CA GLY F 114 15.59 26.20 -20.88
C GLY F 114 14.60 26.15 -22.03
N GLN F 115 14.97 26.81 -23.15
CA GLN F 115 14.19 26.90 -24.39
C GLN F 115 13.88 25.51 -24.98
N GLY F 116 14.82 24.59 -24.82
CA GLY F 116 14.71 23.22 -25.32
C GLY F 116 15.51 23.02 -26.59
N THR F 117 15.54 21.75 -27.06
CA THR F 117 16.24 21.32 -28.27
C THR F 117 15.50 20.11 -28.86
N GLN F 118 15.19 20.16 -30.15
CA GLN F 118 14.45 19.07 -30.79
C GLN F 118 15.37 17.90 -31.14
N VAL F 119 14.89 16.69 -30.86
CA VAL F 119 15.56 15.42 -31.13
C VAL F 119 14.56 14.57 -31.93
N THR F 120 14.94 14.22 -33.16
CA THR F 120 14.11 13.42 -34.04
C THR F 120 14.88 12.18 -34.47
N VAL F 121 14.27 11.01 -34.25
CA VAL F 121 14.88 9.72 -34.52
C VAL F 121 14.16 9.06 -35.71
N SER F 122 14.93 8.37 -36.59
CA SER F 122 14.57 7.65 -37.83
C SER F 122 14.07 8.52 -38.98
N VAL G 2 19.76 -16.02 17.20
CA VAL G 2 18.80 -16.79 17.99
C VAL G 2 18.36 -18.08 17.28
N GLN G 3 18.06 -19.15 18.08
CA GLN G 3 17.66 -20.49 17.64
C GLN G 3 16.29 -20.85 18.23
N LEU G 4 15.40 -21.44 17.42
CA LEU G 4 14.01 -21.76 17.77
C LEU G 4 13.59 -23.18 17.39
N VAL G 5 13.03 -23.94 18.38
CA VAL G 5 12.57 -25.33 18.19
C VAL G 5 11.11 -25.50 18.70
N GLU G 6 10.18 -25.96 17.82
CA GLU G 6 8.78 -26.18 18.19
C GLU G 6 8.47 -27.61 18.62
N SER G 7 7.90 -27.74 19.82
CA SER G 7 7.52 -29.01 20.46
C SER G 7 6.02 -29.06 20.67
N GLY G 8 5.49 -30.26 20.88
CA GLY G 8 4.05 -30.48 21.02
C GLY G 8 3.45 -30.57 19.63
N GLY G 9 2.13 -30.63 19.56
CA GLY G 9 1.48 -30.71 18.26
C GLY G 9 1.36 -32.12 17.74
N GLY G 10 0.21 -32.39 17.15
CA GLY G 10 -0.15 -33.67 16.58
C GLY G 10 -1.63 -33.72 16.26
N LEU G 11 -2.21 -34.93 16.28
CA LEU G 11 -3.64 -35.09 15.98
C LEU G 11 -4.48 -34.96 17.24
N VAL G 12 -5.62 -34.29 17.09
CA VAL G 12 -6.61 -34.05 18.14
C VAL G 12 -7.99 -33.81 17.46
N GLN G 13 -9.09 -33.79 18.23
CA GLN G 13 -10.44 -33.61 17.68
C GLN G 13 -11.04 -32.22 17.91
N ALA G 14 -12.20 -31.95 17.28
CA ALA G 14 -12.93 -30.67 17.40
C ALA G 14 -13.35 -30.40 18.84
N GLY G 15 -13.00 -29.20 19.32
CA GLY G 15 -13.28 -28.76 20.68
C GLY G 15 -12.17 -29.06 21.66
N ASP G 16 -11.18 -29.88 21.25
CA ASP G 16 -10.06 -30.27 22.12
C ASP G 16 -9.02 -29.17 22.28
N SER G 17 -8.03 -29.41 23.13
CA SER G 17 -6.99 -28.45 23.44
C SER G 17 -5.60 -29.03 23.19
N LEU G 18 -4.67 -28.15 22.83
CA LEU G 18 -3.28 -28.53 22.57
C LEU G 18 -2.33 -27.43 23.01
N ARG G 19 -1.26 -27.83 23.70
CA ARG G 19 -0.25 -26.94 24.21
C ARG G 19 1.02 -27.13 23.38
N LEU G 20 1.38 -26.07 22.64
CA LEU G 20 2.57 -26.05 21.80
C LEU G 20 3.65 -25.35 22.56
N SER G 21 4.87 -25.82 22.38
CA SER G 21 6.03 -25.30 23.06
C SER G 21 7.01 -24.75 22.03
N CYS G 22 7.78 -23.74 22.41
CA CYS G 22 8.80 -23.20 21.55
C CYS G 22 10.04 -22.95 22.38
N ALA G 23 11.04 -23.82 22.16
CA ALA G 23 12.33 -23.75 22.83
C ALA G 23 13.16 -22.69 22.12
N VAL G 24 13.78 -21.79 22.91
CA VAL G 24 14.51 -20.63 22.40
C VAL G 24 15.90 -20.55 23.02
N SER G 25 16.90 -20.28 22.18
CA SER G 25 18.32 -20.16 22.58
C SER G 25 18.97 -18.94 21.95
N GLY G 26 19.85 -18.32 22.74
CA GLY G 26 20.58 -17.11 22.42
C GLY G 26 20.84 -16.31 23.71
N ARG G 27 21.07 -15.00 23.62
CA ARG G 27 21.08 -14.20 22.39
C ARG G 27 22.48 -14.22 21.76
N SER G 31 16.53 -10.82 20.56
CA SER G 31 15.08 -10.96 20.59
C SER G 31 14.48 -10.57 21.95
N ASN G 32 13.24 -10.10 21.92
CA ASN G 32 12.50 -9.70 23.09
C ASN G 32 11.12 -10.27 22.95
N VAL G 33 10.57 -10.24 21.72
CA VAL G 33 9.21 -10.71 21.43
C VAL G 33 9.25 -12.02 20.66
N ILE G 34 8.47 -12.99 21.13
CA ILE G 34 8.33 -14.28 20.50
C ILE G 34 6.94 -14.35 19.88
N GLY G 35 6.91 -14.44 18.56
CA GLY G 35 5.70 -14.49 17.77
C GLY G 35 5.28 -15.90 17.40
N TRP G 36 3.99 -16.07 17.13
CA TRP G 36 3.39 -17.33 16.75
C TRP G 36 2.62 -17.14 15.46
N PHE G 37 2.96 -17.96 14.45
CA PHE G 37 2.34 -17.92 13.13
C PHE G 37 1.85 -19.30 12.73
N ARG G 38 0.84 -19.35 11.82
CA ARG G 38 0.29 -20.60 11.32
C ARG G 38 0.05 -20.54 9.81
N GLN G 39 0.41 -21.63 9.11
CA GLN G 39 0.17 -21.72 7.67
C GLN G 39 -0.42 -23.06 7.22
N ALA G 40 -1.64 -22.99 6.72
CA ALA G 40 -2.35 -24.15 6.19
C ALA G 40 -1.91 -24.35 4.74
N PRO G 41 -1.73 -25.60 4.24
CA PRO G 41 -1.33 -25.78 2.85
C PRO G 41 -2.31 -25.14 1.89
N GLY G 42 -1.77 -24.38 0.95
CA GLY G 42 -2.56 -23.65 -0.04
C GLY G 42 -3.34 -22.50 0.57
N LYS G 43 -2.82 -21.93 1.68
CA LYS G 43 -3.48 -20.81 2.37
C LYS G 43 -2.45 -19.79 2.86
N GLU G 44 -2.92 -18.53 3.05
CA GLU G 44 -2.11 -17.42 3.54
C GLU G 44 -1.66 -17.63 4.98
N ARG G 45 -0.39 -17.36 5.23
CA ARG G 45 0.15 -17.40 6.55
C ARG G 45 -0.54 -16.41 7.46
N GLU G 46 -0.82 -16.82 8.69
CA GLU G 46 -1.51 -15.96 9.65
C GLU G 46 -0.72 -15.77 10.92
N PHE G 47 -0.80 -14.56 11.49
CA PHE G 47 -0.24 -14.23 12.80
C PHE G 47 -1.23 -14.80 13.84
N VAL G 48 -0.71 -15.44 14.90
CA VAL G 48 -1.58 -15.98 15.94
C VAL G 48 -1.45 -15.18 17.22
N ALA G 49 -0.22 -15.07 17.75
CA ALA G 49 0.04 -14.40 19.02
C ALA G 49 1.49 -13.97 19.18
N ALA G 50 1.72 -13.00 20.06
CA ALA G 50 3.05 -12.49 20.39
C ALA G 50 3.15 -12.28 21.89
N ILE G 51 4.31 -12.60 22.44
CA ILE G 51 4.60 -12.44 23.86
C ILE G 51 5.99 -11.90 24.06
N SER G 52 6.11 -10.86 24.90
CA SER G 52 7.38 -10.25 25.27
C SER G 52 8.07 -11.18 26.27
N TRP G 53 9.39 -11.32 26.17
CA TRP G 53 10.18 -12.17 27.06
C TRP G 53 10.47 -11.49 28.40
N SER G 54 11.00 -10.24 28.37
CA SER G 54 11.32 -9.42 29.55
C SER G 54 10.07 -9.21 30.42
N THR G 55 9.04 -8.56 29.84
CA THR G 55 7.72 -8.33 30.43
C THR G 55 6.94 -9.61 30.06
N GLY G 56 5.68 -9.72 30.43
CA GLY G 56 4.94 -10.91 30.03
C GLY G 56 3.81 -10.56 29.10
N SER G 57 3.86 -9.33 28.52
CA SER G 57 2.81 -8.75 27.68
C SER G 57 2.48 -9.61 26.50
N THR G 58 1.18 -9.76 26.25
CA THR G 58 0.69 -10.59 25.16
C THR G 58 -0.13 -9.75 24.21
N TYR G 59 -0.25 -10.24 22.99
CA TYR G 59 -1.03 -9.68 21.90
C TYR G 59 -1.51 -10.83 21.03
N TYR G 60 -2.79 -10.78 20.65
CA TYR G 60 -3.41 -11.85 19.89
C TYR G 60 -3.95 -11.33 18.61
N GLY G 61 -3.62 -12.03 17.54
CA GLY G 61 -4.14 -11.72 16.22
C GLY G 61 -5.59 -12.11 16.05
N ARG G 62 -6.11 -11.80 14.86
CA ARG G 62 -7.45 -12.05 14.36
C ARG G 62 -7.78 -13.56 14.31
N SER G 63 -6.85 -14.38 13.81
CA SER G 63 -6.98 -15.82 13.60
C SER G 63 -7.58 -16.65 14.76
N MET G 64 -7.04 -16.52 16.00
CA MET G 64 -7.51 -17.33 17.14
C MET G 64 -7.81 -16.52 18.42
N LYS G 65 -8.61 -15.45 18.27
CA LYS G 65 -9.00 -14.58 19.39
C LYS G 65 -9.98 -15.28 20.35
N GLY G 66 -9.70 -15.22 21.64
CA GLY G 66 -10.53 -15.82 22.68
C GLY G 66 -10.40 -17.33 22.81
N ARG G 67 -9.63 -17.98 21.91
CA ARG G 67 -9.40 -19.42 21.94
C ARG G 67 -7.92 -19.82 21.92
N CYS G 68 -7.06 -18.89 22.30
CA CYS G 68 -5.62 -19.13 22.39
C CYS G 68 -5.00 -18.21 23.42
N ALA G 69 -3.90 -18.64 24.04
CA ALA G 69 -3.21 -17.90 25.07
C ALA G 69 -1.73 -18.23 25.05
N ALA G 70 -0.88 -17.21 25.04
CA ALA G 70 0.56 -17.38 25.09
C ALA G 70 1.07 -17.10 26.50
N SER G 71 2.12 -17.80 26.89
CA SER G 71 2.73 -17.67 28.20
C SER G 71 4.20 -18.02 28.09
N ARG G 72 4.98 -17.62 29.08
CA ARG G 72 6.36 -17.99 29.12
C ARG G 72 6.66 -18.67 30.45
N ASP G 73 7.49 -19.70 30.37
CA ASP G 73 8.07 -20.36 31.51
C ASP G 73 9.48 -19.92 31.33
N ASN G 74 9.93 -19.03 32.20
CA ASN G 74 11.17 -18.31 31.93
C ASN G 74 12.38 -19.16 32.20
N ALA G 75 12.12 -20.42 32.46
CA ALA G 75 13.17 -21.37 32.58
C ALA G 75 12.39 -22.51 33.13
N LYS G 76 12.19 -23.54 32.33
CA LYS G 76 12.68 -23.64 30.94
C LYS G 76 12.76 -22.34 30.09
N ASN G 77 13.67 -22.29 29.09
CA ASN G 77 13.75 -21.12 28.18
C ASN G 77 12.63 -21.31 27.14
N THR G 78 11.38 -21.32 27.62
CA THR G 78 10.24 -21.65 26.77
C THR G 78 9.12 -20.60 26.68
N VAL G 79 8.46 -20.60 25.54
CA VAL G 79 7.26 -19.82 25.25
C VAL G 79 6.25 -20.87 24.81
N ALA G 80 5.03 -20.77 25.29
CA ALA G 80 4.02 -21.74 24.94
C ALA G 80 2.75 -21.11 24.51
N LEU G 81 2.14 -21.71 23.51
CA LEU G 81 0.91 -21.25 22.95
C LEU G 81 -0.10 -22.35 23.17
N GLN G 82 -1.13 -22.02 23.91
CA GLN G 82 -2.17 -22.91 24.29
C GLN G 82 -3.32 -22.62 23.39
N LEU G 83 -3.90 -23.65 22.80
CA LEU G 83 -5.03 -23.47 21.91
C LEU G 83 -6.19 -24.30 22.44
N ASN G 84 -7.36 -23.70 22.43
CA ASN G 84 -8.59 -24.29 22.97
C ASN G 84 -9.67 -24.17 21.93
N SER G 85 -10.78 -24.93 22.11
CA SER G 85 -11.94 -24.94 21.20
C SER G 85 -11.50 -25.17 19.73
N LEU G 86 -10.44 -26.01 19.57
CA LEU G 86 -9.80 -26.38 18.30
C LEU G 86 -10.80 -26.91 17.31
N LYS G 87 -10.68 -26.45 16.06
CA LYS G 87 -11.55 -26.88 14.98
C LYS G 87 -10.71 -27.26 13.74
N PRO G 88 -11.11 -28.28 12.92
CA PRO G 88 -10.33 -28.57 11.71
C PRO G 88 -10.55 -27.44 10.71
N GLU G 89 -9.66 -26.45 10.83
CA GLU G 89 -9.56 -25.16 10.15
C GLU G 89 -8.33 -24.53 10.78
N ASP G 90 -8.10 -24.86 12.06
CA ASP G 90 -6.93 -24.50 12.84
C ASP G 90 -5.82 -25.47 12.48
N THR G 91 -6.11 -26.38 11.52
CA THR G 91 -5.19 -27.36 10.98
C THR G 91 -4.21 -26.58 10.12
N ALA G 92 -2.94 -26.61 10.52
CA ALA G 92 -1.85 -25.91 9.87
C ALA G 92 -0.57 -26.29 10.60
N VAL G 93 0.56 -25.79 10.07
CA VAL G 93 1.86 -25.94 10.72
C VAL G 93 2.06 -24.64 11.52
N TYR G 94 2.35 -24.79 12.82
CA TYR G 94 2.50 -23.68 13.73
C TYR G 94 3.96 -23.33 13.93
N TYR G 95 4.30 -22.08 13.58
CA TYR G 95 5.66 -21.56 13.67
C TYR G 95 5.83 -20.58 14.81
N CYS G 96 7.04 -20.57 15.32
CA CYS G 96 7.53 -19.72 16.37
C CYS G 96 8.53 -18.77 15.70
N ALA G 97 8.51 -17.49 16.08
CA ALA G 97 9.39 -16.48 15.49
C ALA G 97 9.91 -15.48 16.52
N ALA G 98 11.04 -14.80 16.23
CA ALA G 98 11.63 -13.84 17.17
C ALA G 98 12.02 -12.50 16.55
N THR G 99 11.82 -11.41 17.33
CA THR G 99 12.19 -10.02 17.01
C THR G 99 12.36 -9.18 18.23
N LEU G 100 13.13 -8.10 18.07
CA LEU G 100 13.40 -7.06 19.04
C LEU G 100 12.13 -6.22 19.24
N ASP G 101 11.26 -6.18 18.21
CA ASP G 101 10.06 -5.32 18.18
C ASP G 101 8.69 -5.84 18.58
N TRP G 102 7.96 -4.93 19.22
CA TRP G 102 6.55 -5.03 19.63
C TRP G 102 5.85 -4.00 18.70
N GLY G 103 4.68 -4.29 18.15
CA GLY G 103 3.90 -5.51 18.15
C GLY G 103 3.76 -5.79 16.65
N LYS G 104 4.57 -6.71 16.20
CA LYS G 104 4.71 -7.00 14.80
C LYS G 104 3.89 -8.23 14.46
N THR G 105 3.21 -8.18 13.33
CA THR G 105 2.26 -9.24 12.95
C THR G 105 2.58 -9.85 11.58
N LEU G 106 3.56 -9.26 10.84
CA LEU G 106 3.97 -9.71 9.50
C LEU G 106 5.15 -10.62 9.57
N SER G 107 5.19 -11.63 8.68
CA SER G 107 6.30 -12.60 8.52
C SER G 107 7.62 -11.88 8.24
N ASP G 108 7.55 -10.81 7.47
CA ASP G 108 8.65 -9.93 7.06
C ASP G 108 9.29 -9.18 8.21
N GLU G 109 8.52 -8.94 9.27
CA GLU G 109 8.98 -8.21 10.43
C GLU G 109 9.69 -9.09 11.47
N TYR G 110 9.70 -10.43 11.26
CA TYR G 110 10.38 -11.39 12.13
C TYR G 110 11.70 -11.90 11.53
N ASP G 111 12.76 -11.90 12.35
CA ASP G 111 14.13 -12.25 11.93
C ASP G 111 14.49 -13.73 12.04
N TYR G 112 14.18 -14.37 13.18
CA TYR G 112 14.51 -15.77 13.41
C TYR G 112 13.29 -16.65 13.43
N TRP G 113 13.39 -17.82 12.79
CA TRP G 113 12.27 -18.75 12.67
C TRP G 113 12.58 -20.18 13.14
N GLY G 114 11.51 -20.88 13.52
CA GLY G 114 11.57 -22.26 13.95
C GLY G 114 11.09 -23.18 12.84
N GLN G 115 11.48 -24.47 12.92
CA GLN G 115 11.13 -25.51 11.94
C GLN G 115 9.61 -25.68 11.79
N GLY G 116 8.89 -25.46 12.88
CA GLY G 116 7.44 -25.60 12.92
C GLY G 116 7.03 -26.88 13.61
N THR G 117 5.71 -27.05 13.75
CA THR G 117 5.05 -28.21 14.34
C THR G 117 3.66 -28.34 13.76
N GLN G 118 3.34 -29.52 13.23
CA GLN G 118 2.04 -29.73 12.61
C GLN G 118 0.97 -29.98 13.65
N VAL G 119 -0.20 -29.38 13.44
CA VAL G 119 -1.34 -29.50 14.30
C VAL G 119 -2.49 -29.91 13.41
N THR G 120 -3.01 -31.13 13.62
CA THR G 120 -4.12 -31.66 12.83
C THR G 120 -5.34 -31.78 13.73
N VAL G 121 -6.47 -31.18 13.33
CA VAL G 121 -7.70 -31.19 14.15
C VAL G 121 -8.82 -32.04 13.57
N THR H 1 5.34 -49.23 -30.21
CA THR H 1 4.98 -48.44 -29.03
C THR H 1 4.42 -47.05 -29.41
N LYS H 2 3.08 -46.99 -29.49
CA LYS H 2 2.31 -45.79 -29.80
C LYS H 2 1.90 -45.09 -28.50
N SER H 3 2.05 -43.75 -28.47
CA SER H 3 1.71 -42.87 -27.36
C SER H 3 0.65 -41.88 -27.78
N TRP H 4 -0.18 -41.42 -26.83
CA TRP H 4 -1.24 -40.45 -27.08
C TRP H 4 -1.62 -39.73 -25.82
N SER H 5 -1.94 -38.44 -25.96
CA SER H 5 -2.40 -37.58 -24.89
C SER H 5 -3.53 -36.72 -25.43
N GLY H 6 -4.56 -36.54 -24.62
CA GLY H 6 -5.70 -35.70 -24.97
C GLY H 6 -6.44 -35.24 -23.73
N GLU H 7 -6.96 -34.01 -23.77
CA GLU H 7 -7.77 -33.46 -22.70
C GLU H 7 -9.22 -33.92 -22.97
N LEU H 8 -9.66 -35.01 -22.29
CA LEU H 8 -10.98 -35.62 -22.48
C LEU H 8 -12.14 -34.66 -22.30
N GLY H 9 -12.04 -33.79 -21.31
CA GLY H 9 -13.08 -32.83 -20.99
C GLY H 9 -12.92 -32.33 -19.58
N GLY H 10 -13.44 -31.12 -19.34
CA GLY H 10 -13.38 -30.46 -18.04
C GLY H 10 -11.99 -30.15 -17.50
N GLY H 11 -10.97 -30.22 -18.37
CA GLY H 11 -9.55 -30.00 -18.06
C GLY H 11 -8.71 -31.24 -17.79
N ILE H 12 -9.36 -32.41 -17.63
CA ILE H 12 -8.70 -33.67 -17.31
C ILE H 12 -7.94 -34.21 -18.52
N ILE H 13 -6.66 -34.54 -18.31
CA ILE H 13 -5.81 -35.09 -19.36
C ILE H 13 -5.63 -36.59 -19.16
N LEU H 14 -5.65 -37.33 -20.26
CA LEU H 14 -5.34 -38.75 -20.24
C LEU H 14 -4.19 -39.01 -21.19
N SER H 15 -3.08 -39.56 -20.65
CA SER H 15 -1.88 -39.94 -21.39
C SER H 15 -1.85 -41.46 -21.47
N LEU H 16 -1.64 -41.98 -22.66
CA LEU H 16 -1.66 -43.40 -22.94
C LEU H 16 -0.43 -43.86 -23.66
N ARG H 17 -0.02 -45.10 -23.40
CA ARG H 17 1.11 -45.75 -24.08
C ARG H 17 0.77 -47.21 -24.24
N LYS H 18 0.67 -47.66 -25.50
CA LYS H 18 0.35 -49.06 -25.81
C LYS H 18 1.62 -49.92 -25.79
N LYS H 19 1.57 -51.05 -25.06
CA LYS H 19 2.66 -52.02 -24.98
C LYS H 19 2.03 -53.41 -25.13
N GLY H 20 1.95 -53.87 -26.38
CA GLY H 20 1.33 -55.13 -26.73
C GLY H 20 -0.17 -55.05 -26.53
N THR H 21 -0.71 -55.92 -25.66
CA THR H 21 -2.15 -55.93 -25.34
C THR H 21 -2.46 -55.14 -24.05
N THR H 22 -1.48 -54.39 -23.55
CA THR H 22 -1.63 -53.61 -22.32
C THR H 22 -1.42 -52.12 -22.61
N VAL H 23 -2.37 -51.29 -22.12
CA VAL H 23 -2.28 -49.84 -22.21
C VAL H 23 -1.88 -49.28 -20.86
N GLU H 24 -0.79 -48.51 -20.84
CA GLU H 24 -0.30 -47.80 -19.68
C GLU H 24 -0.97 -46.43 -19.70
N TYR H 25 -1.46 -45.98 -18.55
CA TYR H 25 -2.10 -44.68 -18.51
C TYR H 25 -1.55 -43.80 -17.39
N SER H 26 -1.77 -42.51 -17.53
CA SER H 26 -1.43 -41.48 -16.57
C SER H 26 -2.47 -40.36 -16.67
N ILE H 27 -3.20 -40.11 -15.59
CA ILE H 27 -4.21 -39.03 -15.50
C ILE H 27 -3.45 -37.75 -15.17
N GLY H 28 -3.88 -36.64 -15.79
CA GLY H 28 -3.22 -35.35 -15.63
C GLY H 28 -4.14 -34.15 -15.69
N GLY H 29 -3.52 -32.99 -15.80
CA GLY H 29 -4.22 -31.70 -15.84
C GLY H 29 -4.85 -31.33 -14.51
N GLU H 30 -5.90 -30.50 -14.55
CA GLU H 30 -6.68 -29.99 -13.42
C GLU H 30 -8.06 -29.62 -13.91
N ILE H 31 -9.05 -29.76 -13.03
CA ILE H 31 -10.43 -29.44 -13.37
C ILE H 31 -10.59 -27.95 -13.59
N SER H 32 -10.88 -27.56 -14.85
CA SER H 32 -11.02 -26.14 -15.24
C SER H 32 -12.47 -25.69 -15.50
N SER H 33 -13.40 -26.64 -15.59
CA SER H 33 -14.81 -26.39 -15.80
C SER H 33 -15.63 -27.42 -15.06
N SER H 34 -16.95 -27.23 -14.96
CA SER H 34 -17.81 -28.16 -14.23
C SER H 34 -18.01 -29.46 -14.97
N ILE H 35 -17.80 -30.58 -14.26
CA ILE H 35 -17.99 -31.92 -14.81
C ILE H 35 -19.11 -32.58 -14.01
N LEU H 36 -20.20 -32.90 -14.67
CA LEU H 36 -21.34 -33.52 -14.00
C LEU H 36 -21.04 -34.97 -13.60
N ALA H 37 -21.69 -35.46 -12.54
CA ALA H 37 -21.55 -36.82 -12.07
C ALA H 37 -22.09 -37.74 -13.17
N ASN H 38 -21.33 -38.81 -13.50
CA ASN H 38 -21.69 -39.81 -14.49
C ASN H 38 -21.77 -39.27 -15.93
N SER H 39 -21.11 -38.14 -16.22
CA SER H 39 -21.13 -37.51 -17.53
C SER H 39 -20.04 -37.94 -18.49
N ASN H 40 -20.32 -37.81 -19.80
CA ASN H 40 -19.37 -38.10 -20.86
C ASN H 40 -18.37 -36.97 -20.97
N LEU H 41 -17.11 -37.33 -21.18
CA LEU H 41 -16.05 -36.36 -21.40
C LEU H 41 -15.98 -36.24 -22.90
N VAL H 42 -16.56 -35.13 -23.41
CA VAL H 42 -16.78 -34.91 -24.84
C VAL H 42 -15.77 -34.07 -25.58
N ASN H 43 -14.78 -33.46 -24.92
CA ASN H 43 -13.77 -32.66 -25.62
C ASN H 43 -12.82 -33.52 -26.48
N ARG H 44 -12.50 -34.72 -25.97
CA ARG H 44 -11.56 -35.60 -26.66
C ARG H 44 -11.89 -37.06 -26.44
N SER H 45 -11.87 -37.81 -27.57
CA SER H 45 -12.13 -39.25 -27.62
C SER H 45 -10.84 -39.99 -27.67
N VAL H 46 -10.80 -41.15 -26.99
CA VAL H 46 -9.61 -41.97 -27.02
C VAL H 46 -9.56 -42.61 -28.44
N PRO H 47 -8.42 -42.52 -29.17
CA PRO H 47 -8.32 -43.17 -30.47
C PRO H 47 -8.52 -44.69 -30.34
N ASN H 48 -9.05 -45.28 -31.41
CA ASN H 48 -9.41 -46.68 -31.58
C ASN H 48 -8.35 -47.72 -31.13
N GLU H 49 -7.08 -47.46 -31.41
CA GLU H 49 -5.98 -48.36 -31.06
C GLU H 49 -5.76 -48.49 -29.54
N PHE H 50 -6.34 -47.58 -28.75
CA PHE H 50 -6.25 -47.61 -27.29
C PHE H 50 -7.59 -47.97 -26.67
N CYS H 51 -8.61 -48.21 -27.50
CA CYS H 51 -9.93 -48.57 -26.98
C CYS H 51 -10.06 -50.04 -26.59
N PRO H 52 -10.49 -50.32 -25.34
CA PRO H 52 -10.58 -51.72 -24.90
C PRO H 52 -11.84 -52.44 -25.41
N ARG H 53 -11.86 -53.77 -25.32
CA ARG H 53 -13.01 -54.60 -25.70
C ARG H 53 -14.06 -54.46 -24.60
N ASN H 54 -13.59 -54.43 -23.34
CA ASN H 54 -14.44 -54.28 -22.15
C ASN H 54 -14.18 -52.93 -21.49
N ARG H 55 -15.22 -52.35 -20.89
CA ARG H 55 -15.21 -51.07 -20.18
C ARG H 55 -14.17 -51.10 -19.03
N CYS H 56 -13.20 -50.17 -19.03
CA CYS H 56 -12.17 -50.10 -17.99
C CYS H 56 -12.39 -48.94 -17.04
N SER H 57 -12.31 -49.19 -15.73
CA SER H 57 -12.53 -48.21 -14.69
C SER H 57 -11.21 -47.74 -14.09
N LEU H 58 -10.80 -46.53 -14.46
CA LEU H 58 -9.51 -46.00 -14.01
C LEU H 58 -9.65 -45.18 -12.70
N VAL H 59 -9.11 -45.73 -11.61
CA VAL H 59 -9.18 -45.14 -10.29
C VAL H 59 -8.08 -44.10 -10.09
N GLY H 60 -8.50 -42.88 -9.86
CA GLY H 60 -7.58 -41.78 -9.60
C GLY H 60 -7.78 -41.17 -8.23
N HIS H 61 -6.92 -40.22 -7.90
CA HIS H 61 -6.98 -39.51 -6.63
C HIS H 61 -6.81 -37.98 -6.86
N MET H 62 -7.53 -37.17 -6.09
CA MET H 62 -7.44 -35.70 -6.16
C MET H 62 -6.37 -35.22 -5.18
N VAL H 63 -5.39 -34.46 -5.68
CA VAL H 63 -4.25 -33.91 -4.88
C VAL H 63 -4.73 -33.09 -3.68
N GLY H 64 -4.13 -33.35 -2.51
CA GLY H 64 -4.37 -32.58 -1.29
C GLY H 64 -5.47 -33.01 -0.35
N GLY H 65 -6.15 -34.08 -0.68
CA GLY H 65 -7.21 -34.59 0.18
C GLY H 65 -7.28 -36.10 0.14
N TRP H 66 -8.41 -36.65 0.61
CA TRP H 66 -8.64 -38.08 0.63
C TRP H 66 -9.56 -38.55 -0.51
N ASN H 67 -9.92 -37.63 -1.41
CA ASN H 67 -10.85 -37.88 -2.52
C ASN H 67 -10.36 -38.75 -3.67
N ALA H 68 -11.20 -39.73 -4.04
CA ALA H 68 -10.93 -40.62 -5.17
C ALA H 68 -12.04 -40.52 -6.15
N PHE H 69 -11.76 -40.92 -7.40
CA PHE H 69 -12.73 -40.92 -8.49
C PHE H 69 -12.37 -42.06 -9.43
N HIS H 70 -13.18 -42.20 -10.47
CA HIS H 70 -12.90 -43.11 -11.56
C HIS H 70 -13.38 -42.57 -12.89
N ILE H 71 -12.63 -42.87 -13.96
CA ILE H 71 -12.97 -42.55 -15.33
C ILE H 71 -13.02 -43.89 -16.05
N ASP H 72 -14.17 -44.17 -16.69
CA ASP H 72 -14.38 -45.38 -17.46
C ASP H 72 -13.98 -45.15 -18.90
N ILE H 73 -13.21 -46.05 -19.48
CA ILE H 73 -12.94 -45.99 -20.92
C ILE H 73 -13.80 -47.10 -21.55
N PRO H 74 -14.90 -46.76 -22.26
CA PRO H 74 -15.68 -47.79 -22.94
C PRO H 74 -15.03 -48.12 -24.29
N SER H 75 -15.59 -49.11 -25.03
CA SER H 75 -15.05 -49.51 -26.32
C SER H 75 -15.09 -48.37 -27.38
N SER H 76 -16.03 -47.42 -27.22
CA SER H 76 -16.17 -46.24 -28.09
C SER H 76 -15.05 -45.17 -27.89
N GLY H 77 -14.41 -45.15 -26.73
CA GLY H 77 -13.37 -44.17 -26.41
C GLY H 77 -13.91 -42.85 -25.94
N VAL H 78 -15.22 -42.77 -25.70
CA VAL H 78 -15.87 -41.61 -25.14
C VAL H 78 -15.91 -41.86 -23.63
N CYS H 79 -14.90 -41.33 -22.93
CA CYS H 79 -14.75 -41.55 -21.49
C CYS H 79 -15.84 -40.99 -20.65
N GLN H 80 -16.11 -41.65 -19.51
CA GLN H 80 -17.15 -41.21 -18.60
C GLN H 80 -16.60 -40.99 -17.18
N TRP H 81 -16.95 -39.84 -16.57
CA TRP H 81 -16.52 -39.44 -15.24
C TRP H 81 -17.48 -40.04 -14.23
N PHE H 82 -16.96 -40.76 -13.22
CA PHE H 82 -17.80 -41.41 -12.22
C PHE H 82 -17.58 -40.94 -10.82
N GLY H 83 -16.96 -39.76 -10.71
CA GLY H 83 -16.83 -39.05 -9.45
C GLY H 83 -18.10 -38.26 -9.28
N PRO H 84 -18.24 -37.41 -8.24
CA PRO H 84 -19.47 -36.60 -8.14
C PRO H 84 -19.31 -35.38 -9.04
N THR H 85 -20.31 -34.47 -9.04
CA THR H 85 -20.18 -33.23 -9.81
C THR H 85 -19.03 -32.45 -9.21
N ALA H 86 -18.06 -32.05 -10.07
CA ALA H 86 -16.87 -31.33 -9.63
C ALA H 86 -16.50 -30.22 -10.60
N SER H 87 -15.92 -29.13 -10.07
CA SER H 87 -15.51 -27.98 -10.89
C SER H 87 -14.07 -27.53 -10.55
N SER H 88 -13.44 -28.21 -9.58
CA SER H 88 -12.06 -27.95 -9.18
C SER H 88 -11.34 -29.25 -8.74
N GLY H 89 -10.02 -29.18 -8.68
CA GLY H 89 -9.15 -30.25 -8.23
C GLY H 89 -8.10 -30.66 -9.23
N THR H 90 -7.06 -31.36 -8.75
CA THR H 90 -5.94 -31.87 -9.55
C THR H 90 -6.03 -33.43 -9.60
N PRO H 91 -6.62 -34.02 -10.68
CA PRO H 91 -6.72 -35.49 -10.76
C PRO H 91 -5.42 -36.19 -11.17
N ARG H 92 -5.02 -37.25 -10.45
CA ARG H 92 -3.79 -38.03 -10.73
C ARG H 92 -4.05 -39.52 -10.63
N GLY H 93 -3.18 -40.32 -11.26
CA GLY H 93 -3.32 -41.77 -11.22
C GLY H 93 -2.66 -42.50 -12.38
N THR H 94 -1.76 -43.41 -12.04
CA THR H 94 -0.98 -44.22 -12.97
C THR H 94 -1.37 -45.68 -12.82
N GLY H 95 -1.47 -46.36 -13.95
CA GLY H 95 -1.82 -47.77 -13.99
C GLY H 95 -1.84 -48.33 -15.39
N THR H 96 -2.50 -49.48 -15.53
CA THR H 96 -2.64 -50.17 -16.80
C THR H 96 -4.06 -50.64 -16.99
N TYR H 97 -4.45 -50.90 -18.26
CA TYR H 97 -5.71 -51.50 -18.62
C TYR H 97 -5.54 -52.40 -19.86
N PRO H 98 -6.22 -53.58 -19.93
CA PRO H 98 -5.99 -54.48 -21.06
C PRO H 98 -6.77 -54.15 -22.33
N ILE H 99 -6.18 -54.58 -23.45
CA ILE H 99 -6.70 -54.46 -24.80
C ILE H 99 -6.57 -55.84 -25.50
N ASP H 100 -6.83 -55.93 -26.83
CA ASP H 100 -6.70 -57.17 -27.60
C ASP H 100 -5.91 -57.00 -28.91
#